data_375D
# 
_entry.id   375D 
# 
_audit_conform.dict_name       mmcif_pdbx.dic 
_audit_conform.dict_version    5.387 
_audit_conform.dict_location   http://mmcif.pdb.org/dictionaries/ascii/mmcif_pdbx.dic 
# 
loop_
_database_2.database_id 
_database_2.database_code 
_database_2.pdbx_database_accession 
_database_2.pdbx_DOI 
PDB   375D         pdb_0000375d 10.2210/pdb375d/pdb 
RCSB  GDJ059       ?            ?                   
WWPDB D_1000178843 ?            ?                   
# 
loop_
_pdbx_audit_revision_history.ordinal 
_pdbx_audit_revision_history.data_content_type 
_pdbx_audit_revision_history.major_revision 
_pdbx_audit_revision_history.minor_revision 
_pdbx_audit_revision_history.revision_date 
1 'Structure model' 1 0 1998-12-02 
2 'Structure model' 1 1 2008-05-22 
3 'Structure model' 1 2 2011-07-13 
4 'Structure model' 1 3 2018-03-07 
5 'Structure model' 1 4 2024-02-21 
# 
_pdbx_audit_revision_details.ordinal             1 
_pdbx_audit_revision_details.revision_ordinal    1 
_pdbx_audit_revision_details.data_content_type   'Structure model' 
_pdbx_audit_revision_details.provider            repository 
_pdbx_audit_revision_details.type                'Initial release' 
_pdbx_audit_revision_details.description         ? 
_pdbx_audit_revision_details.details             ? 
# 
loop_
_pdbx_audit_revision_group.ordinal 
_pdbx_audit_revision_group.revision_ordinal 
_pdbx_audit_revision_group.data_content_type 
_pdbx_audit_revision_group.group 
1 2 'Structure model' 'Version format compliance' 
2 3 'Structure model' 'Version format compliance' 
3 4 'Structure model' 'Data collection'           
4 5 'Structure model' 'Data collection'           
5 5 'Structure model' 'Database references'       
6 5 'Structure model' 'Derived calculations'      
# 
loop_
_pdbx_audit_revision_category.ordinal 
_pdbx_audit_revision_category.revision_ordinal 
_pdbx_audit_revision_category.data_content_type 
_pdbx_audit_revision_category.category 
1 4 'Structure model' diffrn_source  
2 5 'Structure model' chem_comp_atom 
3 5 'Structure model' chem_comp_bond 
4 5 'Structure model' database_2     
5 5 'Structure model' struct_site    
# 
loop_
_pdbx_audit_revision_item.ordinal 
_pdbx_audit_revision_item.revision_ordinal 
_pdbx_audit_revision_item.data_content_type 
_pdbx_audit_revision_item.item 
1 4 'Structure model' '_diffrn_source.source'               
2 5 'Structure model' '_database_2.pdbx_DOI'                
3 5 'Structure model' '_database_2.pdbx_database_accession' 
4 5 'Structure model' '_struct_site.pdbx_auth_asym_id'      
5 5 'Structure model' '_struct_site.pdbx_auth_comp_id'      
6 5 'Structure model' '_struct_site.pdbx_auth_seq_id'       
# 
_pdbx_database_status.status_code                     REL 
_pdbx_database_status.entry_id                        375D 
_pdbx_database_status.recvd_initial_deposition_date   1998-01-14 
_pdbx_database_status.deposit_site                    NDB 
_pdbx_database_status.process_site                    NDB 
_pdbx_database_status.status_code_sf                  REL 
_pdbx_database_status.status_code_mr                  ? 
_pdbx_database_status.SG_entry                        ? 
_pdbx_database_status.pdb_format_compatible           Y 
_pdbx_database_status.status_code_cs                  ? 
_pdbx_database_status.methods_development_category    ? 
_pdbx_database_status.status_code_nmr_data            ? 
# 
loop_
_audit_author.name 
_audit_author.pdbx_ordinal 
'Chen, X.'          1 
'Rao, S.T.'         2 
'Sekar, K.'         3 
'Sundaralingam, M.' 4 
# 
_citation.id                        primary 
_citation.title                     
'A Novel End-to-End Binding of Two Netropsins to the DNA Decamers d(CCCCCIIIII) 2, d(CCCBr5CCIIIII)2, d(CBr5CCCCIIIII)2' 
_citation.journal_abbrev            'Nucleic Acids Res.' 
_citation.journal_volume            26 
_citation.page_first                5464 
_citation.page_last                 5471 
_citation.year                      1998 
_citation.journal_id_ASTM           NARHAD 
_citation.country                   UK 
_citation.journal_id_ISSN           0305-1048 
_citation.journal_id_CSD            0389 
_citation.book_publisher            ? 
_citation.pdbx_database_id_PubMed   9826773 
_citation.pdbx_database_id_DOI      10.1093/nar/26.23.5464 
# 
loop_
_citation_author.citation_id 
_citation_author.name 
_citation_author.ordinal 
_citation_author.identifier_ORCID 
primary 'Chen, X.'          1 ? 
primary 'Mitra, S.N.'       2 ? 
primary 'Rao, S.T.'         3 ? 
primary 'Sekar, K.'         4 ? 
primary 'Sundaralingam, M.' 5 ? 
# 
loop_
_entity.id 
_entity.type 
_entity.src_method 
_entity.pdbx_description 
_entity.formula_weight 
_entity.pdbx_number_of_molecules 
_entity.pdbx_ec 
_entity.pdbx_mutation 
_entity.pdbx_fragment 
_entity.details 
1 polymer     syn 
;DNA (5'-D(*CP*CP*CP*CP*CP*IP*IP*IP*IP*I)-3')
;
2971.911 4  ? ? ? ? 
2 non-polymer syn NETROPSIN                                      430.464  4  ? ? ? ? 
3 water       nat water                                          18.015   49 ? ? ? ? 
# 
_entity_poly.entity_id                      1 
_entity_poly.type                           polydeoxyribonucleotide 
_entity_poly.nstd_linkage                   no 
_entity_poly.nstd_monomer                   no 
_entity_poly.pdbx_seq_one_letter_code       '(DC)(DC)(DC)(DC)(DC)(DI)(DI)(DI)(DI)(DI)' 
_entity_poly.pdbx_seq_one_letter_code_can   CCCCCIIIII 
_entity_poly.pdbx_strand_id                 A,B,C,D 
_entity_poly.pdbx_target_identifier         ? 
# 
loop_
_pdbx_entity_nonpoly.entity_id 
_pdbx_entity_nonpoly.name 
_pdbx_entity_nonpoly.comp_id 
2 NETROPSIN NT  
3 water     HOH 
# 
loop_
_entity_poly_seq.entity_id 
_entity_poly_seq.num 
_entity_poly_seq.mon_id 
_entity_poly_seq.hetero 
1 1  DC n 
1 2  DC n 
1 3  DC n 
1 4  DC n 
1 5  DC n 
1 6  DI n 
1 7  DI n 
1 8  DI n 
1 9  DI n 
1 10 DI n 
# 
loop_
_chem_comp.id 
_chem_comp.type 
_chem_comp.mon_nstd_flag 
_chem_comp.name 
_chem_comp.pdbx_synonyms 
_chem_comp.formula 
_chem_comp.formula_weight 
DC  'DNA linking' y "2'-DEOXYCYTIDINE-5'-MONOPHOSPHATE" ? 'C9 H14 N3 O7 P'  307.197 
DI  'DNA linking' y "2'-DEOXYINOSINE-5'-MONOPHOSPHATE"  ? 'C10 H13 N4 O7 P' 332.207 
HOH non-polymer   . WATER                               ? 'H2 O'            18.015  
NT  non-polymer   . NETROPSIN                           ? 'C18 H26 N10 O3'  430.464 
# 
loop_
_pdbx_poly_seq_scheme.asym_id 
_pdbx_poly_seq_scheme.entity_id 
_pdbx_poly_seq_scheme.seq_id 
_pdbx_poly_seq_scheme.mon_id 
_pdbx_poly_seq_scheme.ndb_seq_num 
_pdbx_poly_seq_scheme.pdb_seq_num 
_pdbx_poly_seq_scheme.auth_seq_num 
_pdbx_poly_seq_scheme.pdb_mon_id 
_pdbx_poly_seq_scheme.auth_mon_id 
_pdbx_poly_seq_scheme.pdb_strand_id 
_pdbx_poly_seq_scheme.pdb_ins_code 
_pdbx_poly_seq_scheme.hetero 
A 1 1  DC 1  1  1  DC C A . n 
A 1 2  DC 2  2  2  DC C A . n 
A 1 3  DC 3  3  3  DC C A . n 
A 1 4  DC 4  4  4  DC C A . n 
A 1 5  DC 5  5  5  DC C A . n 
A 1 6  DI 6  6  6  DI I A . n 
A 1 7  DI 7  7  7  DI I A . n 
A 1 8  DI 8  8  8  DI I A . n 
A 1 9  DI 9  9  9  DI I A . n 
A 1 10 DI 10 10 10 DI I A . n 
B 1 1  DC 1  11 11 DC C B . n 
B 1 2  DC 2  12 12 DC C B . n 
B 1 3  DC 3  13 13 DC C B . n 
B 1 4  DC 4  14 14 DC C B . n 
B 1 5  DC 5  15 15 DC C B . n 
B 1 6  DI 6  16 16 DI I B . n 
B 1 7  DI 7  17 17 DI I B . n 
B 1 8  DI 8  18 18 DI I B . n 
B 1 9  DI 9  19 19 DI I B . n 
B 1 10 DI 10 20 20 DI I B . n 
C 1 1  DC 1  21 21 DC C C . n 
C 1 2  DC 2  22 22 DC C C . n 
C 1 3  DC 3  23 23 DC C C . n 
C 1 4  DC 4  24 24 DC C C . n 
C 1 5  DC 5  25 25 DC C C . n 
C 1 6  DI 6  26 26 DI I C . n 
C 1 7  DI 7  27 27 DI I C . n 
C 1 8  DI 8  28 28 DI I C . n 
C 1 9  DI 9  29 29 DI I C . n 
C 1 10 DI 10 30 30 DI I C . n 
D 1 1  DC 1  31 31 DC C D . n 
D 1 2  DC 2  32 32 DC C D . n 
D 1 3  DC 3  33 33 DC C D . n 
D 1 4  DC 4  34 34 DC C D . n 
D 1 5  DC 5  35 35 DC C D . n 
D 1 6  DI 6  36 36 DI I D . n 
D 1 7  DI 7  37 37 DI I D . n 
D 1 8  DI 8  38 38 DI I D . n 
D 1 9  DI 9  39 39 DI I D . n 
D 1 10 DI 10 40 40 DI I D . n 
# 
loop_
_pdbx_nonpoly_scheme.asym_id 
_pdbx_nonpoly_scheme.entity_id 
_pdbx_nonpoly_scheme.mon_id 
_pdbx_nonpoly_scheme.ndb_seq_num 
_pdbx_nonpoly_scheme.pdb_seq_num 
_pdbx_nonpoly_scheme.auth_seq_num 
_pdbx_nonpoly_scheme.pdb_mon_id 
_pdbx_nonpoly_scheme.auth_mon_id 
_pdbx_nonpoly_scheme.pdb_strand_id 
_pdbx_nonpoly_scheme.pdb_ins_code 
E 2 NT  1  41 41 NT  NT  A . 
F 2 NT  1  42 42 NT  NT  A . 
G 2 NT  1  43 43 NT  NT  C . 
H 2 NT  1  44 44 NT  NT  C . 
I 3 HOH 1  49 49 HOH HOH A . 
I 3 HOH 2  52 52 HOH HOH A . 
I 3 HOH 3  55 55 HOH HOH A . 
I 3 HOH 4  65 65 HOH HOH A . 
I 3 HOH 5  66 66 HOH HOH A . 
I 3 HOH 6  67 67 HOH HOH A . 
I 3 HOH 7  69 69 HOH HOH A . 
I 3 HOH 8  70 70 HOH HOH A . 
I 3 HOH 9  72 72 HOH HOH A . 
I 3 HOH 10 73 73 HOH HOH A . 
I 3 HOH 11 75 75 HOH HOH A . 
I 3 HOH 12 79 79 HOH HOH A . 
I 3 HOH 13 81 81 HOH HOH A . 
I 3 HOH 14 83 83 HOH HOH A . 
I 3 HOH 15 84 84 HOH HOH A . 
I 3 HOH 16 85 85 HOH HOH A . 
I 3 HOH 17 86 86 HOH HOH A . 
I 3 HOH 18 89 89 HOH HOH A . 
J 3 HOH 1  46 46 HOH HOH B . 
J 3 HOH 2  47 47 HOH HOH B . 
J 3 HOH 3  50 50 HOH HOH B . 
J 3 HOH 4  53 53 HOH HOH B . 
J 3 HOH 5  54 54 HOH HOH B . 
J 3 HOH 6  57 57 HOH HOH B . 
J 3 HOH 7  58 58 HOH HOH B . 
J 3 HOH 8  59 59 HOH HOH B . 
J 3 HOH 9  68 68 HOH HOH B . 
J 3 HOH 10 80 80 HOH HOH B . 
J 3 HOH 11 87 87 HOH HOH B . 
J 3 HOH 12 91 91 HOH HOH B . 
J 3 HOH 13 92 92 HOH HOH B . 
K 3 HOH 1  45 45 HOH HOH C . 
K 3 HOH 2  48 48 HOH HOH C . 
K 3 HOH 3  51 51 HOH HOH C . 
K 3 HOH 4  56 56 HOH HOH C . 
K 3 HOH 5  61 61 HOH HOH C . 
K 3 HOH 6  62 62 HOH HOH C . 
K 3 HOH 7  63 63 HOH HOH C . 
K 3 HOH 8  64 64 HOH HOH C . 
K 3 HOH 9  71 71 HOH HOH C . 
K 3 HOH 10 74 74 HOH HOH C . 
K 3 HOH 11 76 76 HOH HOH C . 
K 3 HOH 12 77 77 HOH HOH C . 
K 3 HOH 13 82 82 HOH HOH C . 
K 3 HOH 14 88 88 HOH HOH C . 
K 3 HOH 15 93 93 HOH HOH C . 
L 3 HOH 1  60 60 HOH HOH D . 
L 3 HOH 2  78 78 HOH HOH D . 
L 3 HOH 3  90 90 HOH HOH D . 
# 
loop_
_software.name 
_software.classification 
_software.version 
_software.citation_id 
_software.pdbx_ordinal 
X-PLOR refinement       3.1 ? 1 
MSC    'data reduction' .   ? 2 
MSC    'data scaling'   .   ? 3 
# 
_cell.entry_id           375D 
_cell.length_a           32.560 
_cell.length_b           32.590 
_cell.length_c           37.640 
_cell.angle_alpha        86.30 
_cell.angle_beta         84.50 
_cell.angle_gamma        68.58 
_cell.Z_PDB              4 
_cell.pdbx_unique_axis   ? 
# 
_symmetry.entry_id                         375D 
_symmetry.space_group_name_H-M             'P 1' 
_symmetry.pdbx_full_space_group_name_H-M   ? 
_symmetry.cell_setting                     triclinic 
_symmetry.Int_Tables_number                1 
# 
_exptl.entry_id          375D 
_exptl.method            'X-RAY DIFFRACTION' 
_exptl.crystals_number   1 
# 
_exptl_crystal.id                    1 
_exptl_crystal.density_meas          ? 
_exptl_crystal.density_Matthews      2.60 
_exptl_crystal.density_percent_sol   53.0000 
_exptl_crystal.description           ? 
# 
_exptl_crystal_grow.crystal_id      1 
_exptl_crystal_grow.method          'VAPOR DIFFUSION, HANGING DROP' 
_exptl_crystal_grow.temp            291.00 
_exptl_crystal_grow.temp_details    ? 
_exptl_crystal_grow.pH              6.00 
_exptl_crystal_grow.pdbx_details    'pH 6.00, VAPOR DIFFUSION, HANGING DROP, temperature 291.00K' 
_exptl_crystal_grow.pdbx_pH_range   ? 
# 
loop_
_exptl_crystal_grow_comp.crystal_id 
_exptl_crystal_grow_comp.id 
_exptl_crystal_grow_comp.sol_id 
_exptl_crystal_grow_comp.name 
_exptl_crystal_grow_comp.volume 
_exptl_crystal_grow_comp.conc 
_exptl_crystal_grow_comp.details 
1 1 1 WATER           ? ? ? 
1 2 1 NETROPSIN       ? ? ? 
1 3 1 'NA CACODYLATE' ? ? ? 
1 4 1 '[CO(NH3)6]CL3' ? ? ? 
1 5 2 WATER           ? ? ? 
1 6 2 NETROPSIN       ? ? ? 
1 7 2 'NA CACODYLATE' ? ? ? 
1 8 2 '[CO(NH3)6]CL3' ? ? ? 
1 9 2 MPD             ? ? ? 
# 
_diffrn.id                     1 
_diffrn.ambient_temp           291.00 
_diffrn.ambient_temp_details   ? 
_diffrn.crystal_id             1 
# 
_diffrn_detector.diffrn_id              1 
_diffrn_detector.detector               'IMAGE PLATE' 
_diffrn_detector.type                   RIGAKU 
_diffrn_detector.pdbx_collection_date   ? 
_diffrn_detector.details                ? 
# 
_diffrn_radiation.diffrn_id                        1 
_diffrn_radiation.wavelength_id                    1 
_diffrn_radiation.pdbx_monochromatic_or_laue_m_l   M 
_diffrn_radiation.monochromator                    GRAPHITE 
_diffrn_radiation.pdbx_diffrn_protocol             'SINGLE WAVELENGTH' 
_diffrn_radiation.pdbx_scattering_type             x-ray 
# 
_diffrn_radiation_wavelength.id           1 
_diffrn_radiation_wavelength.wavelength   . 
_diffrn_radiation_wavelength.wt           1.0 
# 
_diffrn_source.diffrn_id                   1 
_diffrn_source.source                      'ROTATING ANODE' 
_diffrn_source.type                        RIGAKU 
_diffrn_source.pdbx_synchrotron_site       ? 
_diffrn_source.pdbx_synchrotron_beamline   ? 
_diffrn_source.pdbx_wavelength             ? 
_diffrn_source.pdbx_wavelength_list        ? 
# 
_reflns.entry_id                     375D 
_reflns.observed_criterion_sigma_I   1.400 
_reflns.observed_criterion_sigma_F   ? 
_reflns.d_resolution_low             15.000 
_reflns.d_resolution_high            2.400 
_reflns.number_obs                   8546 
_reflns.number_all                   ? 
_reflns.percent_possible_obs         73.000 
_reflns.pdbx_Rmerge_I_obs            0.0450000 
_reflns.pdbx_Rsym_value              ? 
_reflns.pdbx_netI_over_sigmaI        ? 
_reflns.B_iso_Wilson_estimate        ? 
_reflns.pdbx_redundancy              1.980 
_reflns.R_free_details               ? 
_reflns.pdbx_diffrn_id               1 
_reflns.pdbx_ordinal                 1 
# 
_refine.entry_id                                 375D 
_refine.ls_number_reflns_obs                     3714 
_refine.ls_number_reflns_all                     ? 
_refine.pdbx_ls_sigma_I                          ? 
_refine.pdbx_ls_sigma_F                          4.000 
_refine.pdbx_data_cutoff_high_absF               ? 
_refine.pdbx_data_cutoff_low_absF                ? 
_refine.pdbx_data_cutoff_high_rms_absF           ? 
_refine.ls_d_res_low                             8.000 
_refine.ls_d_res_high                            2.400 
_refine.ls_percent_reflns_obs                    ? 
_refine.ls_R_factor_obs                          0.1900000 
_refine.ls_R_factor_all                          ? 
_refine.ls_R_factor_R_work                       0.1900000 
_refine.ls_R_factor_R_free                       0.2730000 
_refine.ls_R_factor_R_free_error                 ? 
_refine.ls_R_factor_R_free_error_details         ? 
_refine.ls_percent_reflns_R_free                 5.000 
_refine.ls_number_reflns_R_free                  192 
_refine.ls_number_parameters                     ? 
_refine.ls_number_restraints                     ? 
_refine.occupancy_min                            ? 
_refine.occupancy_max                            ? 
_refine.B_iso_mean                               ? 
_refine.aniso_B[1][1]                            ? 
_refine.aniso_B[2][2]                            ? 
_refine.aniso_B[3][3]                            ? 
_refine.aniso_B[1][2]                            ? 
_refine.aniso_B[1][3]                            ? 
_refine.aniso_B[2][3]                            ? 
_refine.solvent_model_details                    ? 
_refine.solvent_model_param_ksol                 ? 
_refine.solvent_model_param_bsol                 ? 
_refine.pdbx_ls_cross_valid_method               ? 
_refine.details                                  ? 
_refine.pdbx_starting_model                      ? 
_refine.pdbx_method_to_determine_struct          ? 
_refine.pdbx_isotropic_thermal_model             ? 
_refine.pdbx_stereochemistry_target_values       ? 
_refine.pdbx_stereochem_target_val_spec_case     ? 
_refine.pdbx_R_Free_selection_details            ? 
_refine.pdbx_overall_ESU_R                       ? 
_refine.pdbx_overall_ESU_R_Free                  ? 
_refine.overall_SU_ML                            ? 
_refine.overall_SU_B                             ? 
_refine.ls_redundancy_reflns_obs                 ? 
_refine.correlation_coeff_Fo_to_Fc               ? 
_refine.correlation_coeff_Fo_to_Fc_free          ? 
_refine.overall_SU_R_Cruickshank_DPI             ? 
_refine.overall_SU_R_free                        ? 
_refine.pdbx_refine_id                           'X-RAY DIFFRACTION' 
_refine.pdbx_diffrn_id                           1 
_refine.pdbx_TLS_residual_ADP_flag               ? 
_refine.pdbx_solvent_vdw_probe_radii             ? 
_refine.pdbx_solvent_ion_probe_radii             ? 
_refine.pdbx_solvent_shrinkage_radii             ? 
_refine.pdbx_overall_phase_error                 ? 
_refine.pdbx_overall_SU_R_free_Cruickshank_DPI   ? 
_refine.pdbx_overall_SU_R_Blow_DPI               ? 
_refine.pdbx_overall_SU_R_free_Blow_DPI          ? 
# 
_refine_hist.pdbx_refine_id                   'X-RAY DIFFRACTION' 
_refine_hist.cycle_id                         LAST 
_refine_hist.pdbx_number_atoms_protein        0 
_refine_hist.pdbx_number_atoms_nucleic_acid   788 
_refine_hist.pdbx_number_atoms_ligand         124 
_refine_hist.number_atoms_solvent             49 
_refine_hist.number_atoms_total               961 
_refine_hist.d_res_high                       2.400 
_refine_hist.d_res_low                        8.000 
# 
loop_
_refine_ls_restr.type 
_refine_ls_restr.dev_ideal 
_refine_ls_restr.dev_ideal_target 
_refine_ls_restr.weight 
_refine_ls_restr.number 
_refine_ls_restr.pdbx_refine_id 
_refine_ls_restr.pdbx_restraint_function 
x_bond_d                0.014 ? ? ? 'X-RAY DIFFRACTION' ? 
x_bond_d_na             ?     ? ? ? 'X-RAY DIFFRACTION' ? 
x_bond_d_prot           ?     ? ? ? 'X-RAY DIFFRACTION' ? 
x_angle_d               ?     ? ? ? 'X-RAY DIFFRACTION' ? 
x_angle_d_na            ?     ? ? ? 'X-RAY DIFFRACTION' ? 
x_angle_d_prot          ?     ? ? ? 'X-RAY DIFFRACTION' ? 
x_angle_deg             2.60  ? ? ? 'X-RAY DIFFRACTION' ? 
x_angle_deg_na          ?     ? ? ? 'X-RAY DIFFRACTION' ? 
x_angle_deg_prot        ?     ? ? ? 'X-RAY DIFFRACTION' ? 
x_dihedral_angle_d      ?     ? ? ? 'X-RAY DIFFRACTION' ? 
x_dihedral_angle_d_na   ?     ? ? ? 'X-RAY DIFFRACTION' ? 
x_dihedral_angle_d_prot ?     ? ? ? 'X-RAY DIFFRACTION' ? 
x_improper_angle_d      ?     ? ? ? 'X-RAY DIFFRACTION' ? 
x_improper_angle_d_na   ?     ? ? ? 'X-RAY DIFFRACTION' ? 
x_improper_angle_d_prot ?     ? ? ? 'X-RAY DIFFRACTION' ? 
x_mcbond_it             ?     ? ? ? 'X-RAY DIFFRACTION' ? 
x_mcangle_it            ?     ? ? ? 'X-RAY DIFFRACTION' ? 
x_scbond_it             ?     ? ? ? 'X-RAY DIFFRACTION' ? 
x_scangle_it            ?     ? ? ? 'X-RAY DIFFRACTION' ? 
# 
_struct.entry_id                  375D 
_struct.title                     'A NOVEL END-TO-END BINDING OF TWO NETROPSINS TO THE DNA DECAMER D(CCCCCIIIII)2' 
_struct.pdbx_model_details        ? 
_struct.pdbx_CASP_flag            ? 
_struct.pdbx_model_type_details   ? 
# 
_struct_keywords.entry_id        375D 
_struct_keywords.pdbx_keywords   DNA 
_struct_keywords.text            'UNUSUAL DNA/RNA, DOUBLE HELIX, DOUBLE DRUG IN MINOR GROOVE, COMPLEXED WITH DRUG, MISMATCHED, DNA' 
# 
loop_
_struct_asym.id 
_struct_asym.pdbx_blank_PDB_chainid_flag 
_struct_asym.pdbx_modified 
_struct_asym.entity_id 
_struct_asym.details 
A N N 1 ? 
B N N 1 ? 
C N N 1 ? 
D N N 1 ? 
E N N 2 ? 
F N N 2 ? 
G N N 2 ? 
H N N 2 ? 
I N N 3 ? 
J N N 3 ? 
K N N 3 ? 
L N N 3 ? 
# 
_struct_ref.id                         1 
_struct_ref.entity_id                  1 
_struct_ref.db_name                    PDB 
_struct_ref.db_code                    375D 
_struct_ref.pdbx_db_accession          375D 
_struct_ref.pdbx_db_isoform            ? 
_struct_ref.pdbx_seq_one_letter_code   ? 
_struct_ref.pdbx_align_begin           ? 
# 
loop_
_struct_ref_seq.align_id 
_struct_ref_seq.ref_id 
_struct_ref_seq.pdbx_PDB_id_code 
_struct_ref_seq.pdbx_strand_id 
_struct_ref_seq.seq_align_beg 
_struct_ref_seq.pdbx_seq_align_beg_ins_code 
_struct_ref_seq.seq_align_end 
_struct_ref_seq.pdbx_seq_align_end_ins_code 
_struct_ref_seq.pdbx_db_accession 
_struct_ref_seq.db_align_beg 
_struct_ref_seq.pdbx_db_align_beg_ins_code 
_struct_ref_seq.db_align_end 
_struct_ref_seq.pdbx_db_align_end_ins_code 
_struct_ref_seq.pdbx_auth_seq_align_beg 
_struct_ref_seq.pdbx_auth_seq_align_end 
1 1 375D A 1 ? 10 ? 375D 1  ? 10 ? 1  10 
2 1 375D B 1 ? 10 ? 375D 11 ? 20 ? 11 20 
3 1 375D C 1 ? 10 ? 375D 21 ? 30 ? 21 30 
4 1 375D D 1 ? 10 ? 375D 31 ? 40 ? 31 40 
# 
loop_
_pdbx_struct_assembly.id 
_pdbx_struct_assembly.details 
_pdbx_struct_assembly.method_details 
_pdbx_struct_assembly.oligomeric_details 
_pdbx_struct_assembly.oligomeric_count 
1 author_defined_assembly ? dimeric 2 
2 author_defined_assembly ? dimeric 2 
# 
loop_
_pdbx_struct_assembly_gen.assembly_id 
_pdbx_struct_assembly_gen.oper_expression 
_pdbx_struct_assembly_gen.asym_id_list 
1 1 A,B,E,F,I,J 
2 1 C,D,G,H,K,L 
# 
_pdbx_struct_oper_list.id                   1 
_pdbx_struct_oper_list.type                 'identity operation' 
_pdbx_struct_oper_list.name                 1_555 
_pdbx_struct_oper_list.symmetry_operation   x,y,z 
_pdbx_struct_oper_list.matrix[1][1]         1.0000000000 
_pdbx_struct_oper_list.matrix[1][2]         0.0000000000 
_pdbx_struct_oper_list.matrix[1][3]         0.0000000000 
_pdbx_struct_oper_list.vector[1]            0.0000000000 
_pdbx_struct_oper_list.matrix[2][1]         0.0000000000 
_pdbx_struct_oper_list.matrix[2][2]         1.0000000000 
_pdbx_struct_oper_list.matrix[2][3]         0.0000000000 
_pdbx_struct_oper_list.vector[2]            0.0000000000 
_pdbx_struct_oper_list.matrix[3][1]         0.0000000000 
_pdbx_struct_oper_list.matrix[3][2]         0.0000000000 
_pdbx_struct_oper_list.matrix[3][3]         1.0000000000 
_pdbx_struct_oper_list.vector[3]            0.0000000000 
# 
loop_
_struct_biol.id 
_struct_biol.pdbx_parent_biol_id 
_struct_biol.details 
1 ? ? 
2 ? ? 
# 
loop_
_struct_site.id 
_struct_site.pdbx_evidence_code 
_struct_site.pdbx_auth_asym_id 
_struct_site.pdbx_auth_comp_id 
_struct_site.pdbx_auth_seq_id 
_struct_site.pdbx_auth_ins_code 
_struct_site.pdbx_num_residues 
_struct_site.details 
AC1 Software A NT 41 ? 13 'BINDING SITE FOR RESIDUE NT A 41' 
AC2 Software A NT 42 ? 13 'BINDING SITE FOR RESIDUE NT A 42' 
AC3 Software C NT 43 ? 15 'BINDING SITE FOR RESIDUE NT C 43' 
AC4 Software C NT 44 ? 11 'BINDING SITE FOR RESIDUE NT C 44' 
1   ?        ? ?  ?  ? ?  ?                                  
# 
loop_
_struct_site_gen.id 
_struct_site_gen.site_id 
_struct_site_gen.pdbx_num_res 
_struct_site_gen.label_comp_id 
_struct_site_gen.label_asym_id 
_struct_site_gen.label_seq_id 
_struct_site_gen.pdbx_auth_ins_code 
_struct_site_gen.auth_comp_id 
_struct_site_gen.auth_asym_id 
_struct_site_gen.auth_seq_id 
_struct_site_gen.label_atom_id 
_struct_site_gen.label_alt_id 
_struct_site_gen.symmetry 
_struct_site_gen.details 
1  AC1 13 DC  A 1  ? DC  A 1  . ? 1_555 ? 
2  AC1 13 DC  A 2  ? DC  A 2  . ? 1_555 ? 
3  AC1 13 DC  A 3  ? DC  A 3  . ? 1_555 ? 
4  AC1 13 DC  A 4  ? DC  A 4  . ? 1_555 ? 
5  AC1 13 DC  A 5  ? DC  A 5  . ? 1_555 ? 
6  AC1 13 DI  A 6  ? DI  A 6  . ? 1_555 ? 
7  AC1 13 HOH I .  ? HOH A 49 . ? 1_455 ? 
8  AC1 13 HOH I .  ? HOH A 89 . ? 1_555 ? 
9  AC1 13 DC  B 1  ? DC  B 11 . ? 1_455 ? 
10 AC1 13 DC  B 2  ? DC  B 12 . ? 1_455 ? 
11 AC1 13 DI  B 8  ? DI  B 18 . ? 1_555 ? 
12 AC1 13 DI  B 9  ? DI  B 19 . ? 1_555 ? 
13 AC1 13 DI  B 10 ? DI  B 20 . ? 1_555 ? 
14 AC2 13 DC  A 1  ? DC  A 1  . ? 1_655 ? 
15 AC2 13 DI  A 6  ? DI  A 6  . ? 1_555 ? 
16 AC2 13 DI  A 7  ? DI  A 7  . ? 1_555 ? 
17 AC2 13 DI  A 8  ? DI  A 8  . ? 1_555 ? 
18 AC2 13 DI  A 9  ? DI  A 9  . ? 1_555 ? 
19 AC2 13 DI  A 10 ? DI  A 10 . ? 1_555 ? 
20 AC2 13 HOH I .  ? HOH A 69 . ? 1_555 ? 
21 AC2 13 HOH I .  ? HOH A 89 . ? 1_555 ? 
22 AC2 13 DC  B 2  ? DC  B 12 . ? 1_555 ? 
23 AC2 13 DC  B 3  ? DC  B 13 . ? 1_555 ? 
24 AC2 13 DC  B 4  ? DC  B 14 . ? 1_555 ? 
25 AC2 13 DC  B 5  ? DC  B 15 . ? 1_555 ? 
26 AC2 13 DI  B 6  ? DI  B 16 . ? 1_555 ? 
27 AC3 15 DC  C 1  ? DC  C 21 . ? 1_555 ? 
28 AC3 15 DC  C 2  ? DC  C 22 . ? 1_555 ? 
29 AC3 15 DC  C 3  ? DC  C 23 . ? 1_555 ? 
30 AC3 15 DC  C 4  ? DC  C 24 . ? 1_555 ? 
31 AC3 15 DC  C 5  ? DC  C 25 . ? 1_555 ? 
32 AC3 15 DI  C 6  ? DI  C 26 . ? 1_555 ? 
33 AC3 15 NT  H .  ? NT  C 44 . ? 1_565 ? 
34 AC3 15 HOH K .  ? HOH C 48 . ? 1_555 ? 
35 AC3 15 HOH K .  ? HOH C 77 . ? 1_555 ? 
36 AC3 15 DC  D 1  ? DC  D 31 . ? 1_565 ? 
37 AC3 15 DI  D 6  ? DI  D 36 . ? 1_555 ? 
38 AC3 15 DI  D 7  ? DI  D 37 . ? 1_555 ? 
39 AC3 15 DI  D 8  ? DI  D 38 . ? 1_555 ? 
40 AC3 15 DI  D 9  ? DI  D 39 . ? 1_555 ? 
41 AC3 15 DI  D 10 ? DI  D 40 . ? 1_555 ? 
42 AC4 11 DC  C 1  ? DC  C 21 . ? 1_545 ? 
43 AC4 11 DI  C 6  ? DI  C 26 . ? 1_555 ? 
44 AC4 11 DI  C 7  ? DI  C 27 . ? 1_555 ? 
45 AC4 11 DI  C 8  ? DI  C 28 . ? 1_555 ? 
46 AC4 11 DI  C 9  ? DI  C 29 . ? 1_555 ? 
47 AC4 11 DI  C 10 ? DI  C 30 . ? 1_555 ? 
48 AC4 11 NT  G .  ? NT  C 43 . ? 1_545 ? 
49 AC4 11 DC  D 2  ? DC  D 32 . ? 1_555 ? 
50 AC4 11 DC  D 3  ? DC  D 33 . ? 1_555 ? 
51 AC4 11 DC  D 4  ? DC  D 34 . ? 1_555 ? 
52 AC4 11 DC  D 5  ? DC  D 35 . ? 1_555 ? 
# 
loop_
_pdbx_validate_rmsd_angle.id 
_pdbx_validate_rmsd_angle.PDB_model_num 
_pdbx_validate_rmsd_angle.auth_atom_id_1 
_pdbx_validate_rmsd_angle.auth_asym_id_1 
_pdbx_validate_rmsd_angle.auth_comp_id_1 
_pdbx_validate_rmsd_angle.auth_seq_id_1 
_pdbx_validate_rmsd_angle.PDB_ins_code_1 
_pdbx_validate_rmsd_angle.label_alt_id_1 
_pdbx_validate_rmsd_angle.auth_atom_id_2 
_pdbx_validate_rmsd_angle.auth_asym_id_2 
_pdbx_validate_rmsd_angle.auth_comp_id_2 
_pdbx_validate_rmsd_angle.auth_seq_id_2 
_pdbx_validate_rmsd_angle.PDB_ins_code_2 
_pdbx_validate_rmsd_angle.label_alt_id_2 
_pdbx_validate_rmsd_angle.auth_atom_id_3 
_pdbx_validate_rmsd_angle.auth_asym_id_3 
_pdbx_validate_rmsd_angle.auth_comp_id_3 
_pdbx_validate_rmsd_angle.auth_seq_id_3 
_pdbx_validate_rmsd_angle.PDB_ins_code_3 
_pdbx_validate_rmsd_angle.label_alt_id_3 
_pdbx_validate_rmsd_angle.angle_value 
_pdbx_validate_rmsd_angle.angle_target_value 
_pdbx_validate_rmsd_angle.angle_deviation 
_pdbx_validate_rmsd_angle.angle_standard_deviation 
_pdbx_validate_rmsd_angle.linker_flag 
1 1 "O5'" B DC 11 ? ? "C5'" B DC 11 ? ? "C4'" B DC 11 ? ? 97.11  109.40 -12.29 0.80 N 
2 1 "O5'" C DC 21 ? ? "C5'" C DC 21 ? ? "C4'" C DC 21 ? ? 95.20  109.40 -14.20 0.80 N 
3 1 "C4'" C DI 30 ? ? "C3'" C DI 30 ? ? "O3'" C DI 30 ? ? 82.33  109.50 -27.17 3.00 N 
4 1 "O5'" D DC 31 ? ? "C5'" D DC 31 ? ? "C4'" D DC 31 ? ? 101.73 109.40 -7.67  0.80 N 
5 1 "C2'" D DI 40 ? ? "C3'" D DI 40 ? ? "O3'" D DI 40 ? ? 128.17 109.50 18.67  3.00 N 
# 
loop_
_pdbx_validate_planes.id 
_pdbx_validate_planes.PDB_model_num 
_pdbx_validate_planes.auth_comp_id 
_pdbx_validate_planes.auth_asym_id 
_pdbx_validate_planes.auth_seq_id 
_pdbx_validate_planes.PDB_ins_code 
_pdbx_validate_planes.label_alt_id 
_pdbx_validate_planes.rmsd 
_pdbx_validate_planes.type 
1 1 DC A 1  ? ? 0.087 'SIDE CHAIN' 
2 1 DC B 11 ? ? 0.083 'SIDE CHAIN' 
3 1 DC D 31 ? ? 0.084 'SIDE CHAIN' 
4 1 DI D 37 ? ? 0.057 'SIDE CHAIN' 
# 
_struct_site_keywords.site_id   1 
_struct_site_keywords.text      'MINOR GROOVE BINDER' 
# 
loop_
_chem_comp_atom.comp_id 
_chem_comp_atom.atom_id 
_chem_comp_atom.type_symbol 
_chem_comp_atom.pdbx_aromatic_flag 
_chem_comp_atom.pdbx_stereo_config 
_chem_comp_atom.pdbx_ordinal 
DC  OP3    O N N 1   
DC  P      P N N 2   
DC  OP1    O N N 3   
DC  OP2    O N N 4   
DC  "O5'"  O N N 5   
DC  "C5'"  C N N 6   
DC  "C4'"  C N R 7   
DC  "O4'"  O N N 8   
DC  "C3'"  C N S 9   
DC  "O3'"  O N N 10  
DC  "C2'"  C N N 11  
DC  "C1'"  C N R 12  
DC  N1     N N N 13  
DC  C2     C N N 14  
DC  O2     O N N 15  
DC  N3     N N N 16  
DC  C4     C N N 17  
DC  N4     N N N 18  
DC  C5     C N N 19  
DC  C6     C N N 20  
DC  HOP3   H N N 21  
DC  HOP2   H N N 22  
DC  "H5'"  H N N 23  
DC  "H5''" H N N 24  
DC  "H4'"  H N N 25  
DC  "H3'"  H N N 26  
DC  "HO3'" H N N 27  
DC  "H2'"  H N N 28  
DC  "H2''" H N N 29  
DC  "H1'"  H N N 30  
DC  H41    H N N 31  
DC  H42    H N N 32  
DC  H5     H N N 33  
DC  H6     H N N 34  
DI  OP3    O N N 35  
DI  P      P N N 36  
DI  OP1    O N N 37  
DI  OP2    O N N 38  
DI  "O5'"  O N N 39  
DI  "C5'"  C N N 40  
DI  "C4'"  C N R 41  
DI  "O4'"  O N N 42  
DI  "C3'"  C N S 43  
DI  "O3'"  O N N 44  
DI  "C2'"  C N N 45  
DI  "C1'"  C N R 46  
DI  N9     N Y N 47  
DI  C8     C Y N 48  
DI  N7     N Y N 49  
DI  C5     C Y N 50  
DI  C6     C N N 51  
DI  O6     O N N 52  
DI  N1     N N N 53  
DI  C2     C N N 54  
DI  N3     N N N 55  
DI  C4     C Y N 56  
DI  HOP3   H N N 57  
DI  HOP2   H N N 58  
DI  "H5'"  H N N 59  
DI  "H5''" H N N 60  
DI  "H4'"  H N N 61  
DI  "H3'"  H N N 62  
DI  "HO3'" H N N 63  
DI  "H2'"  H N N 64  
DI  "H2''" H N N 65  
DI  "H1'"  H N N 66  
DI  H8     H N N 67  
DI  H1     H N N 68  
DI  H2     H N N 69  
HOH O      O N N 70  
HOH H1     H N N 71  
HOH H2     H N N 72  
NT  C1     C N N 73  
NT  N1     N N N 74  
NT  N2     N N N 75  
NT  N3     N N N 76  
NT  C2     C N N 77  
NT  C3     C N N 78  
NT  O1     O N N 79  
NT  N4     N N N 80  
NT  C4     C Y N 81  
NT  C5     C Y N 82  
NT  C6     C Y N 83  
NT  N5     N Y N 84  
NT  C8     C N N 85  
NT  C7     C Y N 86  
NT  C9     C N N 87  
NT  O2     O N N 88  
NT  N6     N N N 89  
NT  C10    C Y N 90  
NT  C11    C Y N 91  
NT  C12    C Y N 92  
NT  N7     N Y N 93  
NT  C14    C N N 94  
NT  C13    C Y N 95  
NT  C15    C N N 96  
NT  O3     O N N 97  
NT  N8     N N N 98  
NT  C16    C N N 99  
NT  C17    C N N 100 
NT  C18    C N N 101 
NT  N9     N N N 102 
NT  N10    N N N 103 
NT  HN1    H N N 104 
NT  HN21   H N N 105 
NT  HN22   H N N 106 
NT  HN3    H N N 107 
NT  H21    H N N 108 
NT  H22    H N N 109 
NT  HN4    H N N 110 
NT  H5     H N N 111 
NT  H81    H N N 112 
NT  H82    H N N 113 
NT  H83    H N N 114 
NT  H7     H N N 115 
NT  HN6    H N N 116 
NT  H11    H N N 117 
NT  H141   H N N 118 
NT  H142   H N N 119 
NT  H143   H N N 120 
NT  H13    H N N 121 
NT  HN8    H N N 122 
NT  H161   H N N 123 
NT  H162   H N N 124 
NT  H171   H N N 125 
NT  H172   H N N 126 
NT  HN9    H N N 127 
NT  HN01   H N N 128 
NT  HN02   H N N 129 
# 
loop_
_chem_comp_bond.comp_id 
_chem_comp_bond.atom_id_1 
_chem_comp_bond.atom_id_2 
_chem_comp_bond.value_order 
_chem_comp_bond.pdbx_aromatic_flag 
_chem_comp_bond.pdbx_stereo_config 
_chem_comp_bond.pdbx_ordinal 
DC  OP3   P      sing N N 1   
DC  OP3   HOP3   sing N N 2   
DC  P     OP1    doub N N 3   
DC  P     OP2    sing N N 4   
DC  P     "O5'"  sing N N 5   
DC  OP2   HOP2   sing N N 6   
DC  "O5'" "C5'"  sing N N 7   
DC  "C5'" "C4'"  sing N N 8   
DC  "C5'" "H5'"  sing N N 9   
DC  "C5'" "H5''" sing N N 10  
DC  "C4'" "O4'"  sing N N 11  
DC  "C4'" "C3'"  sing N N 12  
DC  "C4'" "H4'"  sing N N 13  
DC  "O4'" "C1'"  sing N N 14  
DC  "C3'" "O3'"  sing N N 15  
DC  "C3'" "C2'"  sing N N 16  
DC  "C3'" "H3'"  sing N N 17  
DC  "O3'" "HO3'" sing N N 18  
DC  "C2'" "C1'"  sing N N 19  
DC  "C2'" "H2'"  sing N N 20  
DC  "C2'" "H2''" sing N N 21  
DC  "C1'" N1     sing N N 22  
DC  "C1'" "H1'"  sing N N 23  
DC  N1    C2     sing N N 24  
DC  N1    C6     sing N N 25  
DC  C2    O2     doub N N 26  
DC  C2    N3     sing N N 27  
DC  N3    C4     doub N N 28  
DC  C4    N4     sing N N 29  
DC  C4    C5     sing N N 30  
DC  N4    H41    sing N N 31  
DC  N4    H42    sing N N 32  
DC  C5    C6     doub N N 33  
DC  C5    H5     sing N N 34  
DC  C6    H6     sing N N 35  
DI  OP3   P      sing N N 36  
DI  OP3   HOP3   sing N N 37  
DI  P     OP1    doub N N 38  
DI  P     OP2    sing N N 39  
DI  P     "O5'"  sing N N 40  
DI  OP2   HOP2   sing N N 41  
DI  "O5'" "C5'"  sing N N 42  
DI  "C5'" "C4'"  sing N N 43  
DI  "C5'" "H5'"  sing N N 44  
DI  "C5'" "H5''" sing N N 45  
DI  "C4'" "O4'"  sing N N 46  
DI  "C4'" "C3'"  sing N N 47  
DI  "C4'" "H4'"  sing N N 48  
DI  "O4'" "C1'"  sing N N 49  
DI  "C3'" "O3'"  sing N N 50  
DI  "C3'" "C2'"  sing N N 51  
DI  "C3'" "H3'"  sing N N 52  
DI  "O3'" "HO3'" sing N N 53  
DI  "C2'" "C1'"  sing N N 54  
DI  "C2'" "H2'"  sing N N 55  
DI  "C2'" "H2''" sing N N 56  
DI  "C1'" N9     sing N N 57  
DI  "C1'" "H1'"  sing N N 58  
DI  N9    C8     sing Y N 59  
DI  N9    C4     sing Y N 60  
DI  C8    N7     doub Y N 61  
DI  C8    H8     sing N N 62  
DI  N7    C5     sing Y N 63  
DI  C5    C6     sing N N 64  
DI  C5    C4     doub Y N 65  
DI  C6    O6     doub N N 66  
DI  C6    N1     sing N N 67  
DI  N1    C2     sing N N 68  
DI  N1    H1     sing N N 69  
DI  C2    N3     doub N N 70  
DI  C2    H2     sing N N 71  
DI  N3    C4     sing N N 72  
HOH O     H1     sing N N 73  
HOH O     H2     sing N N 74  
NT  C1    N1     doub N N 75  
NT  C1    N2     sing N N 76  
NT  C1    N3     sing N N 77  
NT  N1    HN1    sing N N 78  
NT  N2    HN21   sing N N 79  
NT  N2    HN22   sing N N 80  
NT  N3    C2     sing N N 81  
NT  N3    HN3    sing N N 82  
NT  C2    C3     sing N N 83  
NT  C2    H21    sing N N 84  
NT  C2    H22    sing N N 85  
NT  C3    O1     doub N N 86  
NT  C3    N4     sing N N 87  
NT  N4    C4     sing N N 88  
NT  N4    HN4    sing N N 89  
NT  C4    C5     sing Y N 90  
NT  C4    C7     doub Y N 91  
NT  C5    C6     doub Y N 92  
NT  C5    H5     sing N N 93  
NT  C6    N5     sing Y N 94  
NT  C6    C9     sing N N 95  
NT  N5    C8     sing N N 96  
NT  N5    C7     sing Y N 97  
NT  C8    H81    sing N N 98  
NT  C8    H82    sing N N 99  
NT  C8    H83    sing N N 100 
NT  C7    H7     sing N N 101 
NT  C9    O2     doub N N 102 
NT  C9    N6     sing N N 103 
NT  N6    C10    sing N N 104 
NT  N6    HN6    sing N N 105 
NT  C10   C11    sing Y N 106 
NT  C10   C13    doub Y N 107 
NT  C11   C12    doub Y N 108 
NT  C11   H11    sing N N 109 
NT  C12   N7     sing Y N 110 
NT  C12   C15    sing N N 111 
NT  N7    C14    sing N N 112 
NT  N7    C13    sing Y N 113 
NT  C14   H141   sing N N 114 
NT  C14   H142   sing N N 115 
NT  C14   H143   sing N N 116 
NT  C13   H13    sing N N 117 
NT  C15   O3     doub N N 118 
NT  C15   N8     sing N N 119 
NT  N8    C16    sing N N 120 
NT  N8    HN8    sing N N 121 
NT  C16   C17    sing N N 122 
NT  C16   H161   sing N N 123 
NT  C16   H162   sing N N 124 
NT  C17   C18    sing N N 125 
NT  C17   H171   sing N N 126 
NT  C17   H172   sing N N 127 
NT  C18   N9     doub N N 128 
NT  C18   N10    sing N N 129 
NT  N9    HN9    sing N N 130 
NT  N10   HN01   sing N N 131 
NT  N10   HN02   sing N N 132 
# 
_atom_sites.entry_id                    375D 
_atom_sites.fract_transf_matrix[1][1]   0.02085199 
_atom_sites.fract_transf_matrix[1][2]   -0.01767636 
_atom_sites.fract_transf_matrix[1][3]   -0.01864977 
_atom_sites.fract_transf_matrix[2][1]   -0.01843682 
_atom_sites.fract_transf_matrix[2][2]   0.02010981 
_atom_sites.fract_transf_matrix[2][3]   -0.01852596 
_atom_sites.fract_transf_matrix[3][1]   0.01764373 
_atom_sites.fract_transf_matrix[3][2]   0.01940594 
_atom_sites.fract_transf_matrix[3][3]   0.00502114 
_atom_sites.fract_transf_vector[1]      0.155591 
_atom_sites.fract_transf_vector[2]      0.176121 
_atom_sites.fract_transf_vector[3]      0.241244 
# 
loop_
_atom_type.symbol 
C 
N 
O 
P 
# 
loop_
_atom_site.group_PDB 
_atom_site.id 
_atom_site.type_symbol 
_atom_site.label_atom_id 
_atom_site.label_alt_id 
_atom_site.label_comp_id 
_atom_site.label_asym_id 
_atom_site.label_entity_id 
_atom_site.label_seq_id 
_atom_site.pdbx_PDB_ins_code 
_atom_site.Cartn_x 
_atom_site.Cartn_y 
_atom_site.Cartn_z 
_atom_site.occupancy 
_atom_site.B_iso_or_equiv 
_atom_site.pdbx_formal_charge 
_atom_site.auth_seq_id 
_atom_site.auth_comp_id 
_atom_site.auth_asym_id 
_atom_site.auth_atom_id 
_atom_site.pdbx_PDB_model_num 
ATOM   1   O "O5'" . DC  A 1 1  ? -3.417  -1.908  11.829  1.00 41.30 ? 1  DC  A "O5'" 1 
ATOM   2   C "C5'" . DC  A 1 1  ? -3.127  -1.533  13.189  1.00 31.31 ? 1  DC  A "C5'" 1 
ATOM   3   C "C4'" . DC  A 1 1  ? -2.869  -2.837  13.899  1.00 23.75 ? 1  DC  A "C4'" 1 
ATOM   4   O "O4'" . DC  A 1 1  ? -4.148  -3.502  14.045  1.00 20.90 ? 1  DC  A "O4'" 1 
ATOM   5   C "C3'" . DC  A 1 1  ? -1.994  -3.766  13.079  1.00 21.07 ? 1  DC  A "C3'" 1 
ATOM   6   O "O3'" . DC  A 1 1  ? -0.907  -4.329  13.780  1.00 31.57 ? 1  DC  A "O3'" 1 
ATOM   7   C "C2'" . DC  A 1 1  ? -2.922  -4.879  12.648  1.00 23.08 ? 1  DC  A "C2'" 1 
ATOM   8   C "C1'" . DC  A 1 1  ? -4.158  -4.785  13.492  1.00 12.79 ? 1  DC  A "C1'" 1 
ATOM   9   N N1    . DC  A 1 1  ? -5.329  -4.884  12.627  1.00 11.80 ? 1  DC  A N1    1 
ATOM   10  C C2    . DC  A 1 1  ? -5.880  -6.156  12.369  1.00 14.41 ? 1  DC  A C2    1 
ATOM   11  O O2    . DC  A 1 1  ? -5.494  -7.144  12.998  1.00 24.31 ? 1  DC  A O2    1 
ATOM   12  N N3    . DC  A 1 1  ? -6.839  -6.275  11.430  1.00 12.55 ? 1  DC  A N3    1 
ATOM   13  C C4    . DC  A 1 1  ? -7.282  -5.203  10.780  1.00 9.64  ? 1  DC  A C4    1 
ATOM   14  N N4    . DC  A 1 1  ? -8.159  -5.389  9.798   1.00 17.21 ? 1  DC  A N4    1 
ATOM   15  C C5    . DC  A 1 1  ? -6.831  -3.902  11.091  1.00 13.00 ? 1  DC  A C5    1 
ATOM   16  C C6    . DC  A 1 1  ? -5.871  -3.786  12.016  1.00 14.58 ? 1  DC  A C6    1 
ATOM   17  P P     . DC  A 1 2  ? 0.185   -5.136  12.943  1.00 36.49 ? 2  DC  A P     1 
ATOM   18  O OP1   . DC  A 1 2  ? 1.469   -5.281  13.673  1.00 36.07 ? 2  DC  A OP1   1 
ATOM   19  O OP2   . DC  A 1 2  ? 0.148   -4.561  11.600  1.00 42.02 ? 2  DC  A OP2   1 
ATOM   20  O "O5'" . DC  A 1 2  ? -0.442  -6.562  12.761  1.00 33.63 ? 2  DC  A "O5'" 1 
ATOM   21  C "C5'" . DC  A 1 2  ? -0.613  -7.365  13.895  1.00 32.83 ? 2  DC  A "C5'" 1 
ATOM   22  C "C4'" . DC  A 1 2  ? -1.143  -8.700  13.481  1.00 22.35 ? 2  DC  A "C4'" 1 
ATOM   23  O "O4'" . DC  A 1 2  ? -2.373  -8.487  12.767  1.00 23.51 ? 2  DC  A "O4'" 1 
ATOM   24  C "C3'" . DC  A 1 2  ? -0.234  -9.406  12.514  1.00 23.59 ? 2  DC  A "C3'" 1 
ATOM   25  O "O3'" . DC  A 1 2  ? -0.147  -10.714 12.972  1.00 37.06 ? 2  DC  A "O3'" 1 
ATOM   26  C "C2'" . DC  A 1 2  ? -0.979  -9.339  11.186  1.00 23.25 ? 2  DC  A "C2'" 1 
ATOM   27  C "C1'" . DC  A 1 2  ? -2.416  -9.279  11.616  1.00 19.07 ? 2  DC  A "C1'" 1 
ATOM   28  N N1    . DC  A 1 2  ? -3.307  -8.612  10.685  1.00 18.07 ? 2  DC  A N1    1 
ATOM   29  C C2    . DC  A 1 2  ? -4.421  -9.283  10.159  1.00 25.72 ? 2  DC  A C2    1 
ATOM   30  O O2    . DC  A 1 2  ? -4.655  -10.476 10.460  1.00 35.09 ? 2  DC  A O2    1 
ATOM   31  N N3    . DC  A 1 2  ? -5.237  -8.627  9.317   1.00 24.82 ? 2  DC  A N3    1 
ATOM   32  C C4    . DC  A 1 2  ? -4.987  -7.366  9.006   1.00 21.28 ? 2  DC  A C4    1 
ATOM   33  N N4    . DC  A 1 2  ? -5.837  -6.754  8.216   1.00 19.54 ? 2  DC  A N4    1 
ATOM   34  C C5    . DC  A 1 2  ? -3.861  -6.677  9.508   1.00 17.13 ? 2  DC  A C5    1 
ATOM   35  C C6    . DC  A 1 2  ? -3.058  -7.328  10.332  1.00 15.51 ? 2  DC  A C6    1 
ATOM   36  P P     . DC  A 1 3  ? 0.924   -11.677 12.337  1.00 47.15 ? 3  DC  A P     1 
ATOM   37  O OP1   . DC  A 1 3  ? 1.567   -12.407 13.464  1.00 51.14 ? 3  DC  A OP1   1 
ATOM   38  O OP2   . DC  A 1 3  ? 1.740   -10.852 11.440  1.00 49.84 ? 3  DC  A OP2   1 
ATOM   39  O "O5'" . DC  A 1 3  ? 0.051   -12.665 11.458  1.00 42.73 ? 3  DC  A "O5'" 1 
ATOM   40  C "C5'" . DC  A 1 3  ? -0.952  -13.436 12.067  1.00 37.33 ? 3  DC  A "C5'" 1 
ATOM   41  C "C4'" . DC  A 1 3  ? -1.789  -14.106 11.014  1.00 33.33 ? 3  DC  A "C4'" 1 
ATOM   42  O "O4'" . DC  A 1 3  ? -2.584  -13.145 10.290  1.00 33.32 ? 3  DC  A "O4'" 1 
ATOM   43  C "C3'" . DC  A 1 3  ? -1.001  -14.874 9.962   1.00 31.67 ? 3  DC  A "C3'" 1 
ATOM   44  O "O3'" . DC  A 1 3  ? -1.715  -16.058 9.662   1.00 37.23 ? 3  DC  A "O3'" 1 
ATOM   45  C "C2'" . DC  A 1 3  ? -1.056  -13.966 8.755   1.00 29.54 ? 3  DC  A "C2'" 1 
ATOM   46  C "C1'" . DC  A 1 3  ? -2.430  -13.379 8.904   1.00 28.46 ? 3  DC  A "C1'" 1 
ATOM   47  N N1    . DC  A 1 3  ? -2.601  -12.113 8.216   1.00 25.30 ? 3  DC  A N1    1 
ATOM   48  C C2    . DC  A 1 3  ? -3.748  -11.923 7.419   1.00 28.36 ? 3  DC  A C2    1 
ATOM   49  O O2    . DC  A 1 3  ? -4.613  -12.805 7.332   1.00 36.20 ? 3  DC  A O2    1 
ATOM   50  N N3    . DC  A 1 3  ? -3.903  -10.755 6.762   1.00 25.11 ? 3  DC  A N3    1 
ATOM   51  C C4    . DC  A 1 3  ? -2.997  -9.795  6.867   1.00 24.57 ? 3  DC  A C4    1 
ATOM   52  N N4    . DC  A 1 3  ? -3.209  -8.678  6.185   1.00 27.65 ? 3  DC  A N4    1 
ATOM   53  C C5    . DC  A 1 3  ? -1.836  -9.946  7.681   1.00 21.99 ? 3  DC  A C5    1 
ATOM   54  C C6    . DC  A 1 3  ? -1.675  -11.110 8.330   1.00 25.78 ? 3  DC  A C6    1 
ATOM   55  P P     . DC  A 1 4  ? -1.039  -17.177 8.780   1.00 43.90 ? 4  DC  A P     1 
ATOM   56  O OP1   . DC  A 1 4  ? -0.730  -18.389 9.544   1.00 43.84 ? 4  DC  A OP1   1 
ATOM   57  O OP2   . DC  A 1 4  ? 0.046   -16.487 8.049   1.00 48.84 ? 4  DC  A OP2   1 
ATOM   58  O "O5'" . DC  A 1 4  ? -2.194  -17.492 7.770   1.00 35.24 ? 4  DC  A "O5'" 1 
ATOM   59  C "C5'" . DC  A 1 4  ? -2.780  -16.441 7.097   1.00 31.01 ? 4  DC  A "C5'" 1 
ATOM   60  C "C4'" . DC  A 1 4  ? -3.838  -16.993 6.198   1.00 27.94 ? 4  DC  A "C4'" 1 
ATOM   61  O "O4'" . DC  A 1 4  ? -4.417  -15.913 5.460   1.00 28.92 ? 4  DC  A "O4'" 1 
ATOM   62  C "C3'" . DC  A 1 4  ? -3.212  -17.893 5.165   1.00 28.39 ? 4  DC  A "C3'" 1 
ATOM   63  O "O3'" . DC  A 1 4  ? -4.233  -18.757 4.691   1.00 35.84 ? 4  DC  A "O3'" 1 
ATOM   64  C "C2'" . DC  A 1 4  ? -2.713  -16.891 4.150   1.00 29.48 ? 4  DC  A "C2'" 1 
ATOM   65  C "C1'" . DC  A 1 4  ? -3.726  -15.748 4.245   1.00 25.03 ? 4  DC  A "C1'" 1 
ATOM   66  N N1    . DC  A 1 4  ? -3.108  -14.421 4.281   1.00 15.08 ? 4  DC  A N1    1 
ATOM   67  C C2    . DC  A 1 4  ? -3.789  -13.337 3.749   1.00 14.65 ? 4  DC  A C2    1 
ATOM   68  O O2    . DC  A 1 4  ? -4.919  -13.493 3.248   1.00 15.54 ? 4  DC  A O2    1 
ATOM   69  N N3    . DC  A 1 4  ? -3.214  -12.112 3.783   1.00 6.75  ? 4  DC  A N3    1 
ATOM   70  C C4    . DC  A 1 4  ? -2.020  -11.947 4.338   1.00 11.97 ? 4  DC  A C4    1 
ATOM   71  N N4    . DC  A 1 4  ? -1.498  -10.720 4.356   1.00 20.45 ? 4  DC  A N4    1 
ATOM   72  C C5    . DC  A 1 4  ? -1.303  -13.028 4.892   1.00 15.38 ? 4  DC  A C5    1 
ATOM   73  C C6    . DC  A 1 4  ? -1.871  -14.243 4.838   1.00 17.23 ? 4  DC  A C6    1 
ATOM   74  P P     . DC  A 1 5  ? -3.994  -19.630 3.398   1.00 39.46 ? 5  DC  A P     1 
ATOM   75  O OP1   . DC  A 1 5  ? -4.976  -20.715 3.326   1.00 44.46 ? 5  DC  A OP1   1 
ATOM   76  O OP2   . DC  A 1 5  ? -2.548  -19.930 3.308   1.00 38.19 ? 5  DC  A OP2   1 
ATOM   77  O "O5'" . DC  A 1 5  ? -4.530  -18.670 2.290   1.00 37.53 ? 5  DC  A "O5'" 1 
ATOM   78  C "C5'" . DC  A 1 5  ? -5.882  -18.327 2.342   1.00 38.65 ? 5  DC  A "C5'" 1 
ATOM   79  C "C4'" . DC  A 1 5  ? -6.256  -17.632 1.073   1.00 35.36 ? 5  DC  A "C4'" 1 
ATOM   80  O "O4'" . DC  A 1 5  ? -5.589  -16.355 0.990   1.00 36.83 ? 5  DC  A "O4'" 1 
ATOM   81  C "C3'" . DC  A 1 5  ? -5.786  -18.406 -0.135  1.00 38.60 ? 5  DC  A "C3'" 1 
ATOM   82  O "O3'" . DC  A 1 5  ? -6.780  -18.138 -1.115  1.00 51.29 ? 5  DC  A "O3'" 1 
ATOM   83  C "C2'" . DC  A 1 5  ? -4.443  -17.755 -0.428  1.00 35.66 ? 5  DC  A "C2'" 1 
ATOM   84  C "C1'" . DC  A 1 5  ? -4.750  -16.311 -0.137  1.00 28.66 ? 5  DC  A "C1'" 1 
ATOM   85  N N1    . DC  A 1 5  ? -3.626  -15.411 0.174   1.00 20.17 ? 5  DC  A N1    1 
ATOM   86  C C2    . DC  A 1 5  ? -3.758  -14.062 -0.134  1.00 16.77 ? 5  DC  A C2    1 
ATOM   87  O O2    . DC  A 1 5  ? -4.804  -13.659 -0.697  1.00 21.64 ? 5  DC  A O2    1 
ATOM   88  N N3    . DC  A 1 5  ? -2.769  -13.213 0.188   1.00 10.09 ? 5  DC  A N3    1 
ATOM   89  C C4    . DC  A 1 5  ? -1.679  -13.662 0.810   1.00 17.53 ? 5  DC  A C4    1 
ATOM   90  N N4    . DC  A 1 5  ? -0.746  -12.787 1.135   1.00 18.11 ? 5  DC  A N4    1 
ATOM   91  C C5    . DC  A 1 5  ? -1.499  -15.030 1.125   1.00 15.59 ? 5  DC  A C5    1 
ATOM   92  C C6    . DC  A 1 5  ? -2.486  -15.870 0.780   1.00 21.39 ? 5  DC  A C6    1 
ATOM   93  P P     . DI  A 1 6  ? -6.733  -18.842 -2.545  1.00 55.55 ? 6  DI  A P     1 
ATOM   94  O OP1   . DI  A 1 6  ? -8.069  -19.472 -2.768  1.00 55.38 ? 6  DI  A OP1   1 
ATOM   95  O OP2   . DI  A 1 6  ? -5.495  -19.669 -2.669  1.00 54.91 ? 6  DI  A OP2   1 
ATOM   96  O "O5'" . DI  A 1 6  ? -6.619  -17.550 -3.460  1.00 51.48 ? 6  DI  A "O5'" 1 
ATOM   97  C "C5'" . DI  A 1 6  ? -7.511  -16.449 -3.249  1.00 46.84 ? 6  DI  A "C5'" 1 
ATOM   98  C "C4'" . DI  A 1 6  ? -7.368  -15.473 -4.385  1.00 40.99 ? 6  DI  A "C4'" 1 
ATOM   99  O "O4'" . DI  A 1 6  ? -6.251  -14.578 -4.157  1.00 39.89 ? 6  DI  A "O4'" 1 
ATOM   100 C "C3'" . DI  A 1 6  ? -7.057  -16.215 -5.677  1.00 39.70 ? 6  DI  A "C3'" 1 
ATOM   101 O "O3'" . DI  A 1 6  ? -7.658  -15.530 -6.768  1.00 46.51 ? 6  DI  A "O3'" 1 
ATOM   102 C "C2'" . DI  A 1 6  ? -5.542  -16.226 -5.704  1.00 33.14 ? 6  DI  A "C2'" 1 
ATOM   103 C "C1'" . DI  A 1 6  ? -5.193  -14.896 -5.041  1.00 29.92 ? 6  DI  A "C1'" 1 
ATOM   104 N N9    . DI  A 1 6  ? -3.973  -14.943 -4.258  1.00 17.58 ? 6  DI  A N9    1 
ATOM   105 C C8    . DI  A 1 6  ? -3.376  -16.054 -3.716  1.00 17.58 ? 6  DI  A C8    1 
ATOM   106 N N7    . DI  A 1 6  ? -2.264  -15.773 -3.082  1.00 22.97 ? 6  DI  A N7    1 
ATOM   107 C C5    . DI  A 1 6  ? -2.131  -14.398 -3.220  1.00 11.50 ? 6  DI  A C5    1 
ATOM   108 C C6    . DI  A 1 6  ? -1.137  -13.566 -2.763  1.00 12.06 ? 6  DI  A C6    1 
ATOM   109 O O6    . DI  A 1 6  ? -0.155  -13.865 -2.068  1.00 17.40 ? 6  DI  A O6    1 
ATOM   110 N N1    . DI  A 1 6  ? -1.344  -12.251 -3.152  1.00 8.39  ? 6  DI  A N1    1 
ATOM   111 C C2    . DI  A 1 6  ? -2.417  -11.808 -3.878  1.00 12.36 ? 6  DI  A C2    1 
ATOM   112 N N3    . DI  A 1 6  ? -3.398  -12.598 -4.296  1.00 15.63 ? 6  DI  A N3    1 
ATOM   113 C C4    . DI  A 1 6  ? -3.182  -13.874 -3.936  1.00 13.87 ? 6  DI  A C4    1 
ATOM   114 P P     . DI  A 1 7  ? -7.260  -15.918 -8.261  1.00 51.15 ? 7  DI  A P     1 
ATOM   115 O OP1   . DI  A 1 7  ? -8.488  -15.975 -9.092  1.00 49.51 ? 7  DI  A OP1   1 
ATOM   116 O OP2   . DI  A 1 7  ? -6.309  -17.078 -8.232  1.00 44.93 ? 7  DI  A OP2   1 
ATOM   117 O "O5'" . DI  A 1 7  ? -6.500  -14.599 -8.676  1.00 50.99 ? 7  DI  A "O5'" 1 
ATOM   118 C "C5'" . DI  A 1 7  ? -7.029  -13.332 -8.282  1.00 48.11 ? 7  DI  A "C5'" 1 
ATOM   119 C "C4'" . DI  A 1 7  ? -6.127  -12.235 -8.789  1.00 44.21 ? 7  DI  A "C4'" 1 
ATOM   120 O "O4'" . DI  A 1 7  ? -4.912  -12.173 -7.997  1.00 38.49 ? 7  DI  A "O4'" 1 
ATOM   121 C "C3'" . DI  A 1 7  ? -5.686  -12.452 -10.238 1.00 44.67 ? 7  DI  A "C3'" 1 
ATOM   122 O "O3'" . DI  A 1 7  ? -5.679  -11.172 -10.908 1.00 56.67 ? 7  DI  A "O3'" 1 
ATOM   123 C "C2'" . DI  A 1 7  ? -4.332  -13.112 -10.072 1.00 36.95 ? 7  DI  A "C2'" 1 
ATOM   124 C "C1'" . DI  A 1 7  ? -3.804  -12.424 -8.829  1.00 30.09 ? 7  DI  A "C1'" 1 
ATOM   125 N N9    . DI  A 1 7  ? -2.866  -13.226 -8.083  1.00 18.32 ? 7  DI  A N9    1 
ATOM   126 C C8    . DI  A 1 7  ? -2.844  -14.583 -7.974  1.00 18.13 ? 7  DI  A C8    1 
ATOM   127 N N7    . DI  A 1 7  ? -1.853  -15.017 -7.238  1.00 21.39 ? 7  DI  A N7    1 
ATOM   128 C C5    . DI  A 1 7  ? -1.197  -13.864 -6.841  1.00 14.22 ? 7  DI  A C5    1 
ATOM   129 C C6    . DI  A 1 7  ? -0.068  -13.717 -6.058  1.00 18.31 ? 7  DI  A C6    1 
ATOM   130 O O6    . DI  A 1 7  ? 0.603   -14.605 -5.498  1.00 27.64 ? 7  DI  A O6    1 
ATOM   131 N N1    . DI  A 1 7  ? 0.300   -12.383 -5.931  1.00 20.78 ? 7  DI  A N1    1 
ATOM   132 C C2    . DI  A 1 7  ? -0.376  -11.334 -6.481  1.00 21.55 ? 7  DI  A C2    1 
ATOM   133 N N3    . DI  A 1 7  ? -1.466  -11.472 -7.220  1.00 20.72 ? 7  DI  A N3    1 
ATOM   134 C C4    . DI  A 1 7  ? -1.807  -12.758 -7.361  1.00 15.44 ? 7  DI  A C4    1 
ATOM   135 P P     . DI  A 1 8  ? -4.949  -10.970 -12.339 1.00 60.64 ? 8  DI  A P     1 
ATOM   136 O OP1   . DI  A 1 8  ? -5.834  -9.942  -12.971 1.00 60.09 ? 8  DI  A OP1   1 
ATOM   137 O OP2   . DI  A 1 8  ? -4.603  -12.229 -13.083 1.00 60.43 ? 8  DI  A OP2   1 
ATOM   138 O "O5'" . DI  A 1 8  ? -3.575  -10.296 -11.918 1.00 54.54 ? 8  DI  A "O5'" 1 
ATOM   139 C "C5'" . DI  A 1 8  ? -3.595  -9.116  -11.121 1.00 49.95 ? 8  DI  A "C5'" 1 
ATOM   140 C "C4'" . DI  A 1 8  ? -2.196  -8.591  -10.963 1.00 43.56 ? 8  DI  A "C4'" 1 
ATOM   141 O "O4'" . DI  A 1 8  ? -1.414  -9.476  -10.133 1.00 39.64 ? 8  DI  A "O4'" 1 
ATOM   142 C "C3'" . DI  A 1 8  ? -1.467  -8.524  -12.296 1.00 44.50 ? 8  DI  A "C3'" 1 
ATOM   143 O "O3'" . DI  A 1 8  ? -0.742  -7.294  -12.345 1.00 52.69 ? 8  DI  A "O3'" 1 
ATOM   144 C "C2'" . DI  A 1 8  ? -0.564  -9.746  -12.264 1.00 37.44 ? 8  DI  A "C2'" 1 
ATOM   145 C "C1'" . DI  A 1 8  ? -0.232  -9.842  -10.805 1.00 28.40 ? 8  DI  A "C1'" 1 
ATOM   146 N N9    . DI  A 1 8  ? 0.140   -11.174 -10.362 1.00 17.05 ? 8  DI  A N9    1 
ATOM   147 C C8    . DI  A 1 8  ? -0.430  -12.377 -10.719 1.00 14.28 ? 8  DI  A C8    1 
ATOM   148 N N7    . DI  A 1 8  ? 0.181   -13.401 -10.187 1.00 17.51 ? 8  DI  A N7    1 
ATOM   149 C C5    . DI  A 1 8  ? 1.200   -12.840 -9.425  1.00 9.41  ? 8  DI  A C5    1 
ATOM   150 C C6    . DI  A 1 8  ? 2.201   -13.444 -8.663  1.00 12.72 ? 8  DI  A C6    1 
ATOM   151 O O6    . DI  A 1 8  ? 2.408   -14.637 -8.484  1.00 20.93 ? 8  DI  A O6    1 
ATOM   152 N N1    . DI  A 1 8  ? 3.037   -12.508 -8.072  1.00 12.07 ? 8  DI  A N1    1 
ATOM   153 C C2    . DI  A 1 8  ? 2.925   -11.160 -8.196  1.00 14.25 ? 8  DI  A C2    1 
ATOM   154 N N3    . DI  A 1 8  ? 1.990   -10.574 -8.911  1.00 17.27 ? 8  DI  A N3    1 
ATOM   155 C C4    . DI  A 1 8  ? 1.170   -11.470 -9.504  1.00 10.23 ? 8  DI  A C4    1 
ATOM   156 P P     . DI  A 1 9  ? -0.105  -6.796  -13.721 1.00 52.17 ? 9  DI  A P     1 
ATOM   157 O OP1   . DI  A 1 9  ? -0.365  -5.338  -13.794 1.00 51.52 ? 9  DI  A OP1   1 
ATOM   158 O OP2   . DI  A 1 9  ? -0.531  -7.695  -14.836 1.00 51.06 ? 9  DI  A OP2   1 
ATOM   159 O "O5'" . DI  A 1 9  ? 1.423   -7.008  -13.405 1.00 47.16 ? 9  DI  A "O5'" 1 
ATOM   160 C "C5'" . DI  A 1 9  ? 1.949   -6.462  -12.204 1.00 43.77 ? 9  DI  A "C5'" 1 
ATOM   161 C "C4'" . DI  A 1 9  ? 3.325   -7.015  -11.955 1.00 38.19 ? 9  DI  A "C4'" 1 
ATOM   162 O "O4'" . DI  A 1 9  ? 3.246   -8.412  -11.584 1.00 36.38 ? 9  DI  A "O4'" 1 
ATOM   163 C "C3'" . DI  A 1 9  ? 4.235   -6.966  -13.181 1.00 38.08 ? 9  DI  A "C3'" 1 
ATOM   164 O "O3'" . DI  A 1 9  ? 5.513   -6.539  -12.721 1.00 47.57 ? 9  DI  A "O3'" 1 
ATOM   165 C "C2'" . DI  A 1 9  ? 4.280   -8.416  -13.639 1.00 32.47 ? 9  DI  A "C2'" 1 
ATOM   166 C "C1'" . DI  A 1 9  ? 4.211   -9.117  -12.307 1.00 24.99 ? 9  DI  A "C1'" 1 
ATOM   167 N N9    . DI  A 1 9  ? 3.786   -10.492 -12.374 1.00 15.91 ? 9  DI  A N9    1 
ATOM   168 C C8    . DI  A 1 9  ? 2.833   -11.056 -13.196 1.00 14.78 ? 9  DI  A C8    1 
ATOM   169 N N7    . DI  A 1 9  ? 2.766   -12.359 -13.080 1.00 18.40 ? 9  DI  A N7    1 
ATOM   170 C C5    . DI  A 1 9  ? 3.698   -12.666 -12.092 1.00 10.45 ? 9  DI  A C5    1 
ATOM   171 C C6    . DI  A 1 9  ? 4.071   -13.925 -11.527 1.00 14.85 ? 9  DI  A C6    1 
ATOM   172 O O6    . DI  A 1 9  ? 3.598   -15.055 -11.759 1.00 20.60 ? 9  DI  A O6    1 
ATOM   173 N N1    . DI  A 1 9  ? 5.092   -13.782 -10.593 1.00 8.38  ? 9  DI  A N1    1 
ATOM   174 C C2    . DI  A 1 9  ? 5.642   -12.589 -10.209 1.00 13.79 ? 9  DI  A C2    1 
ATOM   175 N N3    . DI  A 1 9  ? 5.275   -11.410 -10.694 1.00 11.62 ? 9  DI  A N3    1 
ATOM   176 C C4    . DI  A 1 9  ? 4.316   -11.526 -11.634 1.00 9.07  ? 9  DI  A C4    1 
ATOM   177 P P     . DI  A 1 10 ? 6.636   -6.084  -13.762 1.00 47.39 ? 10 DI  A P     1 
ATOM   178 O OP1   . DI  A 1 10 ? 6.980   -4.666  -13.396 1.00 45.87 ? 10 DI  A OP1   1 
ATOM   179 O OP2   . DI  A 1 10 ? 6.136   -6.421  -15.129 1.00 43.69 ? 10 DI  A OP2   1 
ATOM   180 O "O5'" . DI  A 1 10 ? 7.863   -7.016  -13.368 1.00 41.71 ? 10 DI  A "O5'" 1 
ATOM   181 C "C5'" . DI  A 1 10 ? 8.388   -6.966  -12.024 1.00 39.95 ? 10 DI  A "C5'" 1 
ATOM   182 C "C4'" . DI  A 1 10 ? 9.387   -8.076  -11.793 1.00 35.70 ? 10 DI  A "C4'" 1 
ATOM   183 O "O4'" . DI  A 1 10 ? 8.730   -9.365  -11.874 1.00 36.47 ? 10 DI  A "O4'" 1 
ATOM   184 C "C3'" . DI  A 1 10 ? 10.519  -8.139  -12.814 1.00 35.73 ? 10 DI  A "C3'" 1 
ATOM   185 O "O3'" . DI  A 1 10 ? 11.607  -8.617  -12.004 1.00 40.03 ? 10 DI  A "O3'" 1 
ATOM   186 C "C2'" . DI  A 1 10 ? 10.005  -9.181  -13.800 1.00 33.81 ? 10 DI  A "C2'" 1 
ATOM   187 C "C1'" . DI  A 1 10 ? 9.357   -10.162 -12.856 1.00 29.40 ? 10 DI  A "C1'" 1 
ATOM   188 N N9    . DI  A 1 10 ? 8.357   -11.071 -13.393 1.00 22.36 ? 10 DI  A N9    1 
ATOM   189 C C8    . DI  A 1 10 ? 7.343   -10.792 -14.273 1.00 23.33 ? 10 DI  A C8    1 
ATOM   190 N N7    . DI  A 1 10 ? 6.573   -11.830 -14.515 1.00 26.07 ? 10 DI  A N7    1 
ATOM   191 C C5    . DI  A 1 10 ? 7.119   -12.857 -13.743 1.00 25.09 ? 10 DI  A C5    1 
ATOM   192 C C6    . DI  A 1 10 ? 6.692   -14.221 -13.565 1.00 26.00 ? 10 DI  A C6    1 
ATOM   193 O O6    . DI  A 1 10 ? 5.740   -14.817 -14.124 1.00 25.54 ? 10 DI  A O6    1 
ATOM   194 N N1    . DI  A 1 10 ? 7.512   -14.904 -12.662 1.00 24.61 ? 10 DI  A N1    1 
ATOM   195 C C2    . DI  A 1 10 ? 8.630   -14.373 -12.059 1.00 28.68 ? 10 DI  A C2    1 
ATOM   196 N N3    . DI  A 1 10 ? 9.054   -13.120 -12.238 1.00 28.03 ? 10 DI  A N3    1 
ATOM   197 C C4    . DI  A 1 10 ? 8.239   -12.418 -13.070 1.00 23.15 ? 10 DI  A C4    1 
ATOM   198 O "O5'" . DC  B 1 1  ? 7.342   -22.850 -10.433 1.00 42.87 ? 11 DC  B "O5'" 1 
ATOM   199 C "C5'" . DC  B 1 1  ? 8.552   -23.608 -10.464 1.00 38.98 ? 11 DC  B "C5'" 1 
ATOM   200 C "C4'" . DC  B 1 1  ? 9.484   -22.489 -10.069 1.00 31.14 ? 11 DC  B "C4'" 1 
ATOM   201 O "O4'" . DC  B 1 1  ? 9.255   -21.413 -10.993 1.00 28.49 ? 11 DC  B "O4'" 1 
ATOM   202 C "C3'" . DC  B 1 1  ? 9.193   -21.900 -8.699  1.00 34.31 ? 11 DC  B "C3'" 1 
ATOM   203 O "O3'" . DC  B 1 1  ? 10.381  -21.641 -7.966  1.00 41.89 ? 11 DC  B "O3'" 1 
ATOM   204 C "C2'" . DC  B 1 1  ? 8.459   -20.606 -8.998  1.00 30.20 ? 11 DC  B "C2'" 1 
ATOM   205 C "C1'" . DC  B 1 1  ? 8.924   -20.212 -10.368 1.00 18.69 ? 11 DC  B "C1'" 1 
ATOM   206 N N1    . DC  B 1 1  ? 7.855   -19.567 -11.160 1.00 13.31 ? 11 DC  B N1    1 
ATOM   207 C C2    . DC  B 1 1  ? 7.949   -18.200 -11.431 1.00 14.29 ? 11 DC  B C2    1 
ATOM   208 O O2    . DC  B 1 1  ? 9.021   -17.590 -11.177 1.00 23.42 ? 11 DC  B O2    1 
ATOM   209 N N3    . DC  B 1 1  ? 6.891   -17.561 -11.991 1.00 10.53 ? 11 DC  B N3    1 
ATOM   210 C C4    . DC  B 1 1  ? 5.811   -18.244 -12.353 1.00 11.88 ? 11 DC  B C4    1 
ATOM   211 N N4    . DC  B 1 1  ? 4.765   -17.556 -12.866 1.00 17.33 ? 11 DC  B N4    1 
ATOM   212 C C5    . DC  B 1 1  ? 5.733   -19.644 -12.199 1.00 11.19 ? 11 DC  B C5    1 
ATOM   213 C C6    . DC  B 1 1  ? 6.766   -20.263 -11.590 1.00 14.63 ? 11 DC  B C6    1 
ATOM   214 P P     . DC  B 1 2  ? 10.266  -21.175 -6.444  1.00 46.24 ? 12 DC  B P     1 
ATOM   215 O OP1   . DC  B 1 2  ? 11.550  -21.563 -5.822  1.00 45.87 ? 12 DC  B OP1   1 
ATOM   216 O OP2   . DC  B 1 2  ? 8.985   -21.596 -5.864  1.00 41.90 ? 12 DC  B OP2   1 
ATOM   217 O "O5'" . DC  B 1 2  ? 10.223  -19.602 -6.534  1.00 43.36 ? 12 DC  B "O5'" 1 
ATOM   218 C "C5'" . DC  B 1 2  ? 11.391  -18.920 -6.954  1.00 40.49 ? 12 DC  B "C5'" 1 
ATOM   219 C "C4'" . DC  B 1 2  ? 11.204  -17.437 -6.802  1.00 32.09 ? 12 DC  B "C4'" 1 
ATOM   220 O "O4'" . DC  B 1 2  ? 10.210  -16.931 -7.716  1.00 29.06 ? 12 DC  B "O4'" 1 
ATOM   221 C "C3'" . DC  B 1 2  ? 10.747  -17.024 -5.420  1.00 33.36 ? 12 DC  B "C3'" 1 
ATOM   222 O "O3'" . DC  B 1 2  ? 11.477  -15.883 -5.067  1.00 46.04 ? 12 DC  B "O3'" 1 
ATOM   223 C "C2'" . DC  B 1 2  ? 9.291   -16.657 -5.608  1.00 26.40 ? 12 DC  B "C2'" 1 
ATOM   224 C "C1'" . DC  B 1 2  ? 9.235   -16.193 -7.029  1.00 21.81 ? 12 DC  B "C1'" 1 
ATOM   225 N N1    . DC  B 1 2  ? 7.971   -16.481 -7.675  1.00 18.83 ? 12 DC  B N1    1 
ATOM   226 C C2    . DC  B 1 2  ? 7.365   -15.466 -8.436  1.00 25.82 ? 12 DC  B C2    1 
ATOM   227 O O2    . DC  B 1 2  ? 7.874   -14.326 -8.503  1.00 35.13 ? 12 DC  B O2    1 
ATOM   228 N N3    . DC  B 1 2  ? 6.224   -15.732 -9.088  1.00 25.24 ? 12 DC  B N3    1 
ATOM   229 C C4    . DC  B 1 2  ? 5.668   -16.934 -8.989  1.00 24.56 ? 12 DC  B C4    1 
ATOM   230 N N4    . DC  B 1 2  ? 4.513   -17.121 -9.647  1.00 31.49 ? 12 DC  B N4    1 
ATOM   231 C C5    . DC  B 1 2  ? 6.247   -17.978 -8.227  1.00 12.72 ? 12 DC  B C5    1 
ATOM   232 C C6    . DC  B 1 2  ? 7.386   -17.713 -7.598  1.00 15.75 ? 12 DC  B C6    1 
ATOM   233 P P     . DC  B 1 3  ? 11.435  -15.374 -3.580  1.00 54.03 ? 13 DC  B P     1 
ATOM   234 O OP1   . DC  B 1 3  ? 12.840  -15.195 -3.161  1.00 50.26 ? 13 DC  B OP1   1 
ATOM   235 O OP2   . DC  B 1 3  ? 10.525  -16.258 -2.805  1.00 62.36 ? 13 DC  B OP2   1 
ATOM   236 O "O5'" . DC  B 1 3  ? 10.748  -13.971 -3.749  1.00 48.00 ? 13 DC  B "O5'" 1 
ATOM   237 C "C5'" . DC  B 1 3  ? 11.385  -13.051 -4.543  1.00 44.42 ? 13 DC  B "C5'" 1 
ATOM   238 C "C4'" . DC  B 1 3  ? 10.399  -12.033 -5.000  1.00 39.29 ? 13 DC  B "C4'" 1 
ATOM   239 O "O4'" . DC  B 1 3  ? 9.321   -12.699 -5.669  1.00 37.40 ? 13 DC  B "O4'" 1 
ATOM   240 C "C3'" . DC  B 1 3  ? 9.774   -11.313 -3.831  1.00 42.83 ? 13 DC  B "C3'" 1 
ATOM   241 O "O3'" . DC  B 1 3  ? 9.798   -9.946  -4.170  1.00 55.28 ? 13 DC  B "O3'" 1 
ATOM   242 C "C2'" . DC  B 1 3  ? 8.348   -11.837 -3.807  1.00 39.47 ? 13 DC  B "C2'" 1 
ATOM   243 C "C1'" . DC  B 1 3  ? 8.112   -12.114 -5.257  1.00 33.25 ? 13 DC  B "C1'" 1 
ATOM   244 N N1    . DC  B 1 3  ? 7.055   -13.081 -5.521  1.00 30.33 ? 13 DC  B N1    1 
ATOM   245 C C2    . DC  B 1 3  ? 5.935   -12.715 -6.297  1.00 30.60 ? 13 DC  B C2    1 
ATOM   246 O O2    . DC  B 1 3  ? 5.821   -11.560 -6.750  1.00 34.02 ? 13 DC  B O2    1 
ATOM   247 N N3    . DC  B 1 3  ? 4.981   -13.624 -6.542  1.00 28.04 ? 13 DC  B N3    1 
ATOM   248 C C4    . DC  B 1 3  ? 5.081   -14.858 -6.064  1.00 24.99 ? 13 DC  B C4    1 
ATOM   249 N N4    . DC  B 1 3  ? 4.104   -15.709 -6.343  1.00 29.36 ? 13 DC  B N4    1 
ATOM   250 C C5    . DC  B 1 3  ? 6.193   -15.268 -5.280  1.00 24.35 ? 13 DC  B C5    1 
ATOM   251 C C6    . DC  B 1 3  ? 7.147   -14.362 -5.035  1.00 29.19 ? 13 DC  B C6    1 
ATOM   252 P P     . DC  B 1 4  ? 9.627   -8.857  -3.029  1.00 61.65 ? 14 DC  B P     1 
ATOM   253 O OP1   . DC  B 1 4  ? 10.810  -8.000  -3.139  1.00 66.91 ? 14 DC  B OP1   1 
ATOM   254 O OP2   . DC  B 1 4  ? 9.353   -9.566  -1.723  1.00 68.29 ? 14 DC  B OP2   1 
ATOM   255 O "O5'" . DC  B 1 4  ? 8.366   -8.061  -3.556  1.00 50.15 ? 14 DC  B "O5'" 1 
ATOM   256 C "C5'" . DC  B 1 4  ? 8.360   -7.664  -4.885  1.00 45.25 ? 14 DC  B "C5'" 1 
ATOM   257 C "C4'" . DC  B 1 4  ? 6.959   -7.361  -5.305  1.00 39.14 ? 14 DC  B "C4'" 1 
ATOM   258 O "O4'" . DC  B 1 4  ? 6.204   -8.578  -5.435  1.00 39.19 ? 14 DC  B "O4'" 1 
ATOM   259 C "C3'" . DC  B 1 4  ? 6.269   -6.549  -4.236  1.00 40.42 ? 14 DC  B "C3'" 1 
ATOM   260 O "O3'" . DC  B 1 4  ? 5.580   -5.487  -4.847  1.00 49.00 ? 14 DC  B "O3'" 1 
ATOM   261 C "C2'" . DC  B 1 4  ? 5.293   -7.528  -3.630  1.00 41.46 ? 14 DC  B "C2'" 1 
ATOM   262 C "C1'" . DC  B 1 4  ? 4.970   -8.413  -4.790  1.00 36.70 ? 14 DC  B "C1'" 1 
ATOM   263 N N1    . DC  B 1 4  ? 4.479   -9.750  -4.410  1.00 35.72 ? 14 DC  B N1    1 
ATOM   264 C C2    . DC  B 1 4  ? 3.279   -10.225 -4.991  1.00 32.94 ? 14 DC  B C2    1 
ATOM   265 O O2    . DC  B 1 4  ? 2.613   -9.485  -5.727  1.00 36.42 ? 14 DC  B O2    1 
ATOM   266 N N3    . DC  B 1 4  ? 2.868   -11.468 -4.713  1.00 30.76 ? 14 DC  B N3    1 
ATOM   267 C C4    . DC  B 1 4  ? 3.571   -12.230 -3.868  1.00 32.40 ? 14 DC  B C4    1 
ATOM   268 N N4    . DC  B 1 4  ? 3.140   -13.473 -3.662  1.00 36.08 ? 14 DC  B N4    1 
ATOM   269 C C5    . DC  B 1 4  ? 4.752   -11.758 -3.215  1.00 29.56 ? 14 DC  B C5    1 
ATOM   270 C C6    . DC  B 1 4  ? 5.172   -10.530 -3.519  1.00 32.12 ? 14 DC  B C6    1 
ATOM   271 P P     . DC  B 1 5  ? 4.874   -4.394  -3.937  1.00 51.05 ? 15 DC  B P     1 
ATOM   272 O OP1   . DC  B 1 5  ? 5.012   -3.065  -4.552  1.00 54.74 ? 15 DC  B OP1   1 
ATOM   273 O OP2   . DC  B 1 5  ? 5.351   -4.604  -2.531  1.00 48.62 ? 15 DC  B OP2   1 
ATOM   274 O "O5'" . DC  B 1 5  ? 3.362   -4.780  -4.166  1.00 48.78 ? 15 DC  B "O5'" 1 
ATOM   275 C "C5'" . DC  B 1 5  ? 2.846   -4.716  -5.478  1.00 47.63 ? 15 DC  B "C5'" 1 
ATOM   276 C "C4'" . DC  B 1 5  ? 1.378   -5.051  -5.483  1.00 45.80 ? 15 DC  B "C4'" 1 
ATOM   277 O "O4'" . DC  B 1 5  ? 1.172   -6.454  -5.154  1.00 46.59 ? 15 DC  B "O4'" 1 
ATOM   278 C "C3'" . DC  B 1 5  ? 0.518   -4.238  -4.516  1.00 42.05 ? 15 DC  B "C3'" 1 
ATOM   279 O "O3'" . DC  B 1 5  ? -0.687  -3.915  -5.226  1.00 46.76 ? 15 DC  B "O3'" 1 
ATOM   280 C "C2'" . DC  B 1 5  ? 0.304   -5.210  -3.365  1.00 40.18 ? 15 DC  B "C2'" 1 
ATOM   281 C "C1'" . DC  B 1 5  ? 0.254   -6.566  -4.081  1.00 36.53 ? 15 DC  B "C1'" 1 
ATOM   282 N N1    . DC  B 1 5  ? 0.626   -7.760  -3.307  1.00 27.39 ? 15 DC  B N1    1 
ATOM   283 C C2    . DC  B 1 5  ? -0.006  -8.969  -3.599  1.00 24.67 ? 15 DC  B C2    1 
ATOM   284 O O2    . DC  B 1 5  ? -0.928  -8.997  -4.463  1.00 30.77 ? 15 DC  B O2    1 
ATOM   285 N N3    . DC  B 1 5  ? 0.378   -10.082 -2.935  1.00 20.37 ? 15 DC  B N3    1 
ATOM   286 C C4    . DC  B 1 5  ? 1.333   -10.018 -2.009  1.00 24.27 ? 15 DC  B C4    1 
ATOM   287 N N4    . DC  B 1 5  ? 1.701   -11.142 -1.424  1.00 28.81 ? 15 DC  B N4    1 
ATOM   288 C C5    . DC  B 1 5  ? 1.965   -8.799  -1.657  1.00 24.36 ? 15 DC  B C5    1 
ATOM   289 C C6    . DC  B 1 5  ? 1.587   -7.702  -2.330  1.00 28.31 ? 15 DC  B C6    1 
ATOM   290 P P     . DI  B 1 6  ? -1.684  -2.787  -4.675  1.00 51.57 ? 16 DI  B P     1 
ATOM   291 O OP1   . DI  B 1 6  ? -2.180  -1.846  -5.741  1.00 48.70 ? 16 DI  B OP1   1 
ATOM   292 O OP2   . DI  B 1 6  ? -1.101  -2.261  -3.412  1.00 46.09 ? 16 DI  B OP2   1 
ATOM   293 O "O5'" . DI  B 1 6  ? -2.973  -3.646  -4.405  1.00 50.81 ? 16 DI  B "O5'" 1 
ATOM   294 C "C5'" . DI  B 1 6  ? -3.607  -4.289  -5.515  1.00 48.81 ? 16 DI  B "C5'" 1 
ATOM   295 C "C4'" . DI  B 1 6  ? -4.717  -5.173  -5.016  1.00 39.79 ? 16 DI  B "C4'" 1 
ATOM   296 O "O4'" . DI  B 1 6  ? -4.165  -6.271  -4.248  1.00 36.89 ? 16 DI  B "O4'" 1 
ATOM   297 C "C3'" . DI  B 1 6  ? -5.622  -4.413  -4.065  1.00 34.12 ? 16 DI  B "C3'" 1 
ATOM   298 O "O3'" . DI  B 1 6  ? -6.937  -4.801  -4.365  1.00 41.62 ? 16 DI  B "O3'" 1 
ATOM   299 C "C2'" . DI  B 1 6  ? -5.111  -4.829  -2.702  1.00 28.20 ? 16 DI  B "C2'" 1 
ATOM   300 C "C1'" . DI  B 1 6  ? -4.706  -6.260  -2.965  1.00 25.04 ? 16 DI  B "C1'" 1 
ATOM   301 N N9    . DI  B 1 6  ? -3.736  -6.881  -2.080  1.00 17.40 ? 16 DI  B N9    1 
ATOM   302 C C8    . DI  B 1 6  ? -2.722  -6.291  -1.365  1.00 14.45 ? 16 DI  B C8    1 
ATOM   303 N N7    . DI  B 1 6  ? -2.028  -7.154  -0.665  1.00 16.39 ? 16 DI  B N7    1 
ATOM   304 C C5    . DI  B 1 6  ? -2.627  -8.385  -0.947  1.00 16.11 ? 16 DI  B C5    1 
ATOM   305 C C6    . DI  B 1 6  ? -2.304  -9.710  -0.506  1.00 17.25 ? 16 DI  B C6    1 
ATOM   306 O O6    . DI  B 1 6  ? -1.365  -10.095 0.243   1.00 15.50 ? 16 DI  B O6    1 
ATOM   307 N N1    . DI  B 1 6  ? -3.190  -10.647 -1.038  1.00 16.84 ? 16 DI  B N1    1 
ATOM   308 C C2    . DI  B 1 6  ? -4.236  -10.366 -1.885  1.00 17.62 ? 16 DI  B C2    1 
ATOM   309 N N3    . DI  B 1 6  ? -4.531  -9.156  -2.311  1.00 18.47 ? 16 DI  B N3    1 
ATOM   310 C C4    . DI  B 1 6  ? -3.686  -8.223  -1.809  1.00 16.21 ? 16 DI  B C4    1 
ATOM   311 P P     . DI  B 1 7  ? -8.137  -4.280  -3.460  1.00 53.55 ? 17 DI  B P     1 
ATOM   312 O OP1   . DI  B 1 7  ? -9.278  -3.877  -4.316  1.00 50.93 ? 17 DI  B OP1   1 
ATOM   313 O OP2   . DI  B 1 7  ? -7.641  -3.331  -2.433  1.00 52.04 ? 17 DI  B OP2   1 
ATOM   314 O "O5'" . DI  B 1 7  ? -8.498  -5.651  -2.748  1.00 55.63 ? 17 DI  B "O5'" 1 
ATOM   315 C "C5'" . DI  B 1 7  ? -8.422  -6.903  -3.488  1.00 54.28 ? 17 DI  B "C5'" 1 
ATOM   316 C "C4'" . DI  B 1 7  ? -8.988  -8.020  -2.648  1.00 46.01 ? 17 DI  B "C4'" 1 
ATOM   317 O "O4'" . DI  B 1 7  ? -7.951  -8.591  -1.813  1.00 40.56 ? 17 DI  B "O4'" 1 
ATOM   318 C "C3'" . DI  B 1 7  ? -10.038 -7.445  -1.693  1.00 44.65 ? 17 DI  B "C3'" 1 
ATOM   319 O "O3'" . DI  B 1 7  ? -11.052 -8.428  -1.453  1.00 51.14 ? 17 DI  B "O3'" 1 
ATOM   320 C "C2'" . DI  B 1 7  ? -9.195  -7.103  -0.482  1.00 38.88 ? 17 DI  B "C2'" 1 
ATOM   321 C "C1'" . DI  B 1 7  ? -8.254  -8.286  -0.471  1.00 33.81 ? 17 DI  B "C1'" 1 
ATOM   322 N N9    . DI  B 1 7  ? -7.015  -8.092  0.250   1.00 23.74 ? 17 DI  B N9    1 
ATOM   323 C C8    . DI  B 1 7  ? -6.380  -6.913  0.546   1.00 22.94 ? 17 DI  B C8    1 
ATOM   324 N N7    . DI  B 1 7  ? -5.307  -7.092  1.282   1.00 22.25 ? 17 DI  B N7    1 
ATOM   325 C C5    . DI  B 1 7  ? -5.246  -8.457  1.469   1.00 14.81 ? 17 DI  B C5    1 
ATOM   326 C C6    . DI  B 1 7  ? -4.339  -9.239  2.198   1.00 18.49 ? 17 DI  B C6    1 
ATOM   327 O O6    . DI  B 1 7  ? -3.378  -8.878  2.881   1.00 25.04 ? 17 DI  B O6    1 
ATOM   328 N N1    . DI  B 1 7  ? -4.635  -10.589 2.103   1.00 17.97 ? 17 DI  B N1    1 
ATOM   329 C C2    . DI  B 1 7  ? -5.678  -11.122 1.409   1.00 26.04 ? 17 DI  B C2    1 
ATOM   330 N N3    . DI  B 1 7  ? -6.555  -10.404 0.734   1.00 26.92 ? 17 DI  B N3    1 
ATOM   331 C C4    . DI  B 1 7  ? -6.274  -9.094  0.812   1.00 21.74 ? 17 DI  B C4    1 
ATOM   332 P P     . DI  B 1 8  ? -12.419 -8.047  -0.683  1.00 53.81 ? 18 DI  B P     1 
ATOM   333 O OP1   . DI  B 1 8  ? -13.513 -8.046  -1.669  1.00 52.74 ? 18 DI  B OP1   1 
ATOM   334 O OP2   . DI  B 1 8  ? -12.277 -6.876  0.252   1.00 54.79 ? 18 DI  B OP2   1 
ATOM   335 O "O5'" . DI  B 1 8  ? -12.565 -9.386  0.149   1.00 47.89 ? 18 DI  B "O5'" 1 
ATOM   336 C "C5'" . DI  B 1 8  ? -12.131 -10.613 -0.445  1.00 36.58 ? 18 DI  B "C5'" 1 
ATOM   337 C "C4'" . DI  B 1 8  ? -11.624 -11.570 0.607   1.00 31.54 ? 18 DI  B "C4'" 1 
ATOM   338 O "O4'" . DI  B 1 8  ? -10.309 -11.212 1.101   1.00 28.56 ? 18 DI  B "O4'" 1 
ATOM   339 C "C3'" . DI  B 1 8  ? -12.507 -11.762 1.841   1.00 34.22 ? 18 DI  B "C3'" 1 
ATOM   340 O "O3'" . DI  B 1 8  ? -12.554 -13.189 2.151   1.00 47.16 ? 18 DI  B "O3'" 1 
ATOM   341 C "C2'" . DI  B 1 8  ? -11.750 -10.962 2.889   1.00 27.07 ? 18 DI  B "C2'" 1 
ATOM   342 C "C1'" . DI  B 1 8  ? -10.330 -11.253 2.504   1.00 16.76 ? 18 DI  B "C1'" 1 
ATOM   343 N N9    . DI  B 1 8  ? -9.375  -10.288 3.001   1.00 8.85  ? 18 DI  B N9    1 
ATOM   344 C C8    . DI  B 1 8  ? -9.410  -8.921  2.874   1.00 11.95 ? 18 DI  B C8    1 
ATOM   345 N N7    . DI  B 1 8  ? -8.411  -8.325  3.463   1.00 13.33 ? 18 DI  B N7    1 
ATOM   346 C C5    . DI  B 1 8  ? -7.673  -9.361  4.009   1.00 6.99  ? 18 DI  B C5    1 
ATOM   347 C C6    . DI  B 1 8  ? -6.496  -9.329  4.767   1.00 19.42 ? 18 DI  B C6    1 
ATOM   348 O O6    . DI  B 1 8  ? -5.843  -8.355  5.128   1.00 28.89 ? 18 DI  B O6    1 
ATOM   349 N N1    . DI  B 1 8  ? -6.074  -10.613 5.122   1.00 15.21 ? 18 DI  B N1    1 
ATOM   350 C C2    . DI  B 1 8  ? -6.711  -11.767 4.791   1.00 10.53 ? 18 DI  B C2    1 
ATOM   351 N N3    . DI  B 1 8  ? -7.823  -11.809 4.082   1.00 13.84 ? 18 DI  B N3    1 
ATOM   352 C C4    . DI  B 1 8  ? -8.242  -10.571 3.732   1.00 4.99  ? 18 DI  B C4    1 
ATOM   353 P P     . DI  B 1 9  ? -13.669 -13.806 3.166   1.00 48.90 ? 19 DI  B P     1 
ATOM   354 O OP1   . DI  B 1 9  ? -14.156 -15.056 2.509   1.00 48.96 ? 19 DI  B OP1   1 
ATOM   355 O OP2   . DI  B 1 9  ? -14.643 -12.779 3.676   1.00 45.00 ? 19 DI  B OP2   1 
ATOM   356 O "O5'" . DI  B 1 9  ? -12.795 -14.283 4.390   1.00 37.50 ? 19 DI  B "O5'" 1 
ATOM   357 C "C5'" . DI  B 1 9  ? -11.799 -15.244 4.173   1.00 35.59 ? 19 DI  B "C5'" 1 
ATOM   358 C "C4'" . DI  B 1 9  ? -11.006 -15.386 5.433   1.00 29.34 ? 19 DI  B "C4'" 1 
ATOM   359 O "O4'" . DI  B 1 9  ? -10.209 -14.198 5.687   1.00 28.24 ? 19 DI  B "O4'" 1 
ATOM   360 C "C3'" . DI  B 1 9  ? -11.970 -15.497 6.601   1.00 27.64 ? 19 DI  B "C3'" 1 
ATOM   361 O "O3'" . DI  B 1 9  ? -11.359 -16.432 7.463   1.00 33.66 ? 19 DI  B "O3'" 1 
ATOM   362 C "C2'" . DI  B 1 9  ? -11.977 -14.081 7.153   1.00 23.99 ? 19 DI  B "C2'" 1 
ATOM   363 C "C1'" . DI  B 1 9  ? -10.522 -13.707 6.957   1.00 20.25 ? 19 DI  B "C1'" 1 
ATOM   364 N N9    . DI  B 1 9  ? -10.209 -12.291 6.985   1.00 12.16 ? 19 DI  B N9    1 
ATOM   365 C C8    . DI  B 1 9  ? -10.980 -11.276 6.497   1.00 12.19 ? 19 DI  B C8    1 
ATOM   366 N N7    . DI  B 1 9  ? -10.449 -10.094 6.696   1.00 13.12 ? 19 DI  B N7    1 
ATOM   367 C C5    . DI  B 1 9  ? -9.248  -10.362 7.345   1.00 7.28  ? 19 DI  B C5    1 
ATOM   368 C C6    . DI  B 1 9  ? -8.257  -9.493  7.787   1.00 10.48 ? 19 DI  B C6    1 
ATOM   369 O O6    . DI  B 1 9  ? -8.169  -8.257  7.612   1.00 13.03 ? 19 DI  B O6    1 
ATOM   370 N N1    . DI  B 1 9  ? -7.259  -10.166 8.459   1.00 15.62 ? 19 DI  B N1    1 
ATOM   371 C C2    . DI  B 1 9  ? -7.178  -11.515 8.602   1.00 17.31 ? 19 DI  B C2    1 
ATOM   372 N N3    . DI  B 1 9  ? -8.077  -12.351 8.128   1.00 14.13 ? 19 DI  B N3    1 
ATOM   373 C C4    . DI  B 1 9  ? -9.090  -11.705 7.535   1.00 9.87  ? 19 DI  B C4    1 
ATOM   374 P P     . DI  B 1 10 ? -12.222 -17.295 8.463   1.00 30.83 ? 20 DI  B P     1 
ATOM   375 O OP1   . DI  B 1 10 ? -11.993 -18.709 8.186   1.00 26.47 ? 20 DI  B OP1   1 
ATOM   376 O OP2   . DI  B 1 10 ? -13.586 -16.731 8.470   1.00 23.16 ? 20 DI  B OP2   1 
ATOM   377 O "O5'" . DI  B 1 10 ? -11.455 -16.972 9.789   1.00 25.41 ? 20 DI  B "O5'" 1 
ATOM   378 C "C5'" . DI  B 1 10 ? -10.812 -15.725 9.881   1.00 30.77 ? 20 DI  B "C5'" 1 
ATOM   379 C "C4'" . DI  B 1 10 ? -9.752  -15.747 10.944  1.00 20.70 ? 20 DI  B "C4'" 1 
ATOM   380 O "O4'" . DI  B 1 10 ? -9.118  -14.449 10.854  1.00 22.41 ? 20 DI  B "O4'" 1 
ATOM   381 C "C3'" . DI  B 1 10 ? -10.393 -15.776 12.312  1.00 19.61 ? 20 DI  B "C3'" 1 
ATOM   382 O "O3'" . DI  B 1 10 ? -9.257  -16.181 13.085  1.00 31.81 ? 20 DI  B "O3'" 1 
ATOM   383 C "C2'" . DI  B 1 10 ? -10.810 -14.330 12.465  1.00 18.68 ? 20 DI  B "C2'" 1 
ATOM   384 C "C1'" . DI  B 1 10 ? -9.613  -13.610 11.864  1.00 16.95 ? 20 DI  B "C1'" 1 
ATOM   385 N N9    . DI  B 1 10 ? -9.963  -12.347 11.251  1.00 12.29 ? 20 DI  B N9    1 
ATOM   386 C C8    . DI  B 1 10 ? -11.112 -12.091 10.538  1.00 13.66 ? 20 DI  B C8    1 
ATOM   387 N N7    . DI  B 1 10 ? -11.228 -10.837 10.193  1.00 15.43 ? 20 DI  B N7    1 
ATOM   388 C C5    . DI  B 1 10 ? -10.068 -10.240 10.676  1.00 12.34 ? 20 DI  B C5    1 
ATOM   389 C C6    . DI  B 1 10 ? -9.638  -8.893  10.617  1.00 12.41 ? 20 DI  B C6    1 
ATOM   390 O O6    . DI  B 1 10 ? -10.219 -7.917  10.118  1.00 13.91 ? 20 DI  B O6    1 
ATOM   391 N N1    . DI  B 1 10 ? -8.401  -8.724  11.234  1.00 10.57 ? 20 DI  B N1    1 
ATOM   392 C C2    . DI  B 1 10 ? -7.674  -9.718  11.829  1.00 15.33 ? 20 DI  B C2    1 
ATOM   393 N N3    . DI  B 1 10 ? -8.066  -10.976 11.896  1.00 16.26 ? 20 DI  B N3    1 
ATOM   394 C C4    . DI  B 1 10 ? -9.268  -11.163 11.305  1.00 12.20 ? 20 DI  B C4    1 
ATOM   395 O "O5'" . DC  C 1 1  ? -7.153  12.400  -15.875 1.00 55.54 ? 21 DC  C "O5'" 1 
ATOM   396 C "C5'" . DC  C 1 1  ? -6.542  12.256  -14.602 1.00 45.31 ? 21 DC  C "C5'" 1 
ATOM   397 C "C4'" . DC  C 1 1  ? -5.141  12.491  -15.095 1.00 38.81 ? 21 DC  C "C4'" 1 
ATOM   398 O "O4'" . DC  C 1 1  ? -4.830  13.893  -15.019 1.00 36.25 ? 21 DC  C "O4'" 1 
ATOM   399 C "C3'" . DC  C 1 1  ? -4.117  11.799  -14.224 1.00 41.60 ? 21 DC  C "C3'" 1 
ATOM   400 O "O3'" . DC  C 1 1  ? -3.073  11.282  -15.020 1.00 51.54 ? 21 DC  C "O3'" 1 
ATOM   401 C "C2'" . DC  C 1 1  ? -3.612  12.884  -13.299 1.00 36.31 ? 21 DC  C "C2'" 1 
ATOM   402 C "C1'" . DC  C 1 1  ? -3.783  14.141  -14.108 1.00 31.70 ? 21 DC  C "C1'" 1 
ATOM   403 N N1    . DC  C 1 1  ? -4.237  15.192  -13.235 1.00 27.35 ? 21 DC  C N1    1 
ATOM   404 C C2    . DC  C 1 1  ? -3.385  16.258  -12.920 1.00 28.08 ? 21 DC  C C2    1 
ATOM   405 O O2    . DC  C 1 1  ? -2.266  16.355  -13.446 1.00 31.30 ? 21 DC  C O2    1 
ATOM   406 N N3    . DC  C 1 1  ? -3.802  17.182  -12.049 1.00 29.96 ? 21 DC  C N3    1 
ATOM   407 C C4    . DC  C 1 1  ? -5.012  17.102  -11.503 1.00 31.02 ? 21 DC  C C4    1 
ATOM   408 N N4    . DC  C 1 1  ? -5.350  18.033  -10.612 1.00 34.25 ? 21 DC  C N4    1 
ATOM   409 C C5    . DC  C 1 1  ? -5.914  16.069  -11.838 1.00 29.89 ? 21 DC  C C5    1 
ATOM   410 C C6    . DC  C 1 1  ? -5.498  15.145  -12.697 1.00 30.64 ? 21 DC  C C6    1 
ATOM   411 P P     . DC  C 1 2  ? -1.908  10.483  -14.309 1.00 58.54 ? 22 DC  C P     1 
ATOM   412 O OP1   . DC  C 1 2  ? -1.198  9.665   -15.333 1.00 58.97 ? 22 DC  C OP1   1 
ATOM   413 O OP2   . DC  C 1 2  ? -2.433  9.845   -13.068 1.00 58.01 ? 22 DC  C OP2   1 
ATOM   414 O "O5'" . DC  C 1 2  ? -0.981  11.660  -13.824 1.00 54.51 ? 22 DC  C "O5'" 1 
ATOM   415 C "C5'" . DC  C 1 2  ? -0.131  12.306  -14.729 1.00 46.66 ? 22 DC  C "C5'" 1 
ATOM   416 C "C4'" . DC  C 1 2  ? 0.898   13.052  -13.936 1.00 39.72 ? 22 DC  C "C4'" 1 
ATOM   417 O "O4'" . DC  C 1 2  ? 0.173   14.014  -13.143 1.00 39.97 ? 22 DC  C "O4'" 1 
ATOM   418 C "C3'" . DC  C 1 2  ? 1.654   12.186  -12.931 1.00 35.68 ? 22 DC  C "C3'" 1 
ATOM   419 O "O3'" . DC  C 1 2  ? 2.958   12.728  -12.838 1.00 42.34 ? 22 DC  C "O3'" 1 
ATOM   420 C "C2'" . DC  C 1 2  ? 0.884   12.415  -11.642 1.00 31.89 ? 22 DC  C "C2'" 1 
ATOM   421 C "C1'" . DC  C 1 2  ? 0.509   13.859  -11.783 1.00 30.02 ? 22 DC  C "C1'" 1 
ATOM   422 N N1    . DC  C 1 2  ? -0.624  14.332  -10.988 1.00 26.82 ? 22 DC  C N1    1 
ATOM   423 C C2    . DC  C 1 2  ? -0.500  15.536  -10.318 1.00 26.60 ? 22 DC  C C2    1 
ATOM   424 O O2    . DC  C 1 2  ? 0.523   16.199  -10.427 1.00 34.12 ? 22 DC  C O2    1 
ATOM   425 N N3    . DC  C 1 2  ? -1.497  15.969  -9.561  1.00 25.40 ? 22 DC  C N3    1 
ATOM   426 C C4    . DC  C 1 2  ? -2.604  15.267  -9.454  1.00 24.01 ? 22 DC  C C4    1 
ATOM   427 N N4    . DC  C 1 2  ? -3.532  15.742  -8.640  1.00 23.36 ? 22 DC  C N4    1 
ATOM   428 C C5    . DC  C 1 2  ? -2.793  14.060  -10.158 1.00 24.43 ? 22 DC  C C5    1 
ATOM   429 C C6    . DC  C 1 2  ? -1.776  13.620  -10.904 1.00 25.76 ? 22 DC  C C6    1 
ATOM   430 P P     . DC  C 1 3  ? 4.129   11.905  -12.156 1.00 47.41 ? 23 DC  C P     1 
ATOM   431 O OP1   . DC  C 1 3  ? 5.132   11.751  -13.201 1.00 49.41 ? 23 DC  C OP1   1 
ATOM   432 O OP2   . DC  C 1 3  ? 3.620   10.718  -11.467 1.00 52.89 ? 23 DC  C OP2   1 
ATOM   433 O "O5'" . DC  C 1 3  ? 4.662   12.951  -11.099 1.00 43.96 ? 23 DC  C "O5'" 1 
ATOM   434 C "C5'" . DC  C 1 3  ? 4.876   14.290  -11.517 1.00 45.13 ? 23 DC  C "C5'" 1 
ATOM   435 C "C4'" . DC  C 1 3  ? 5.217   15.155  -10.336 1.00 43.01 ? 23 DC  C "C4'" 1 
ATOM   436 O "O4'" . DC  C 1 3  ? 4.024   15.555  -9.641  1.00 46.03 ? 23 DC  C "O4'" 1 
ATOM   437 C "C3'" . DC  C 1 3  ? 6.106   14.486  -9.295  1.00 44.38 ? 23 DC  C "C3'" 1 
ATOM   438 O "O3'" . DC  C 1 3  ? 6.986   15.497  -8.815  1.00 47.79 ? 23 DC  C "O3'" 1 
ATOM   439 C "C2'" . DC  C 1 3  ? 5.112   14.032  -8.237  1.00 42.15 ? 23 DC  C "C2'" 1 
ATOM   440 C "C1'" . DC  C 1 3  ? 4.101   15.165  -8.270  1.00 40.76 ? 23 DC  C "C1'" 1 
ATOM   441 N N1    . DC  C 1 3  ? 2.739   14.823  -7.846  1.00 36.20 ? 23 DC  C N1    1 
ATOM   442 C C2    . DC  C 1 3  ? 1.984   15.773  -7.141  1.00 36.48 ? 23 DC  C C2    1 
ATOM   443 O O2    . DC  C 1 3  ? 2.505   16.850  -6.768  1.00 36.36 ? 23 DC  C O2    1 
ATOM   444 N N3    . DC  C 1 3  ? 0.686   15.499  -6.860  1.00 32.21 ? 23 DC  C N3    1 
ATOM   445 C C4    . DC  C 1 3  ? 0.144   14.343  -7.227  1.00 29.42 ? 23 DC  C C4    1 
ATOM   446 N N4    . DC  C 1 3  ? -1.149  14.155  -6.960  1.00 24.69 ? 23 DC  C N4    1 
ATOM   447 C C5    . DC  C 1 3  ? 0.896   13.343  -7.893  1.00 30.94 ? 23 DC  C C5    1 
ATOM   448 C C6    . DC  C 1 3  ? 2.180   13.616  -8.179  1.00 35.18 ? 23 DC  C C6    1 
ATOM   449 P P     . DC  C 1 4  ? 8.181   15.132  -7.827  1.00 49.08 ? 24 DC  C P     1 
ATOM   450 O OP1   . DC  C 1 4  ? 9.447   15.545  -8.450  1.00 54.38 ? 24 DC  C OP1   1 
ATOM   451 O OP2   . DC  C 1 4  ? 8.037   13.753  -7.313  1.00 52.24 ? 24 DC  C OP2   1 
ATOM   452 O "O5'" . DC  C 1 4  ? 7.838   16.129  -6.669  1.00 42.78 ? 24 DC  C "O5'" 1 
ATOM   453 C "C5'" . DC  C 1 4  ? 6.476   16.447  -6.456  1.00 44.37 ? 24 DC  C "C5'" 1 
ATOM   454 C "C4'" . DC  C 1 4  ? 6.363   17.465  -5.361  1.00 39.38 ? 24 DC  C "C4'" 1 
ATOM   455 O "O4'" . DC  C 1 4  ? 5.001   17.432  -4.895  1.00 38.77 ? 24 DC  C "O4'" 1 
ATOM   456 C "C3'" . DC  C 1 4  ? 7.230   17.062  -4.181  1.00 38.62 ? 24 DC  C "C3'" 1 
ATOM   457 O "O3'" . DC  C 1 4  ? 7.725   18.223  -3.552  1.00 46.95 ? 24 DC  C "O3'" 1 
ATOM   458 C "C2'" . DC  C 1 4  ? 6.304   16.241  -3.315  1.00 38.01 ? 24 DC  C "C2'" 1 
ATOM   459 C "C1'" . DC  C 1 4  ? 4.910   16.757  -3.656  1.00 34.22 ? 24 DC  C "C1'" 1 
ATOM   460 N N1    . DC  C 1 4  ? 3.937   15.692  -3.838  1.00 24.28 ? 24 DC  C N1    1 
ATOM   461 C C2    . DC  C 1 4  ? 2.644   15.920  -3.447  1.00 24.25 ? 24 DC  C C2    1 
ATOM   462 O O2    . DC  C 1 4  ? 2.343   17.000  -2.926  1.00 26.09 ? 24 DC  C O2    1 
ATOM   463 N N3    . DC  C 1 4  ? 1.725   14.967  -3.627  1.00 22.70 ? 24 DC  C N3    1 
ATOM   464 C C4    . DC  C 1 4  ? 2.068   13.801  -4.154  1.00 22.06 ? 24 DC  C C4    1 
ATOM   465 N N4    . DC  C 1 4  ? 1.110   12.883  -4.278  1.00 27.14 ? 24 DC  C N4    1 
ATOM   466 C C5    . DC  C 1 4  ? 3.391   13.527  -4.566  1.00 20.01 ? 24 DC  C C5    1 
ATOM   467 C C6    . DC  C 1 4  ? 4.289   14.494  -4.396  1.00 21.67 ? 24 DC  C C6    1 
ATOM   468 P P     . DC  C 1 5  ? 8.476   18.090  -2.166  1.00 50.97 ? 25 DC  C P     1 
ATOM   469 O OP1   . DC  C 1 5  ? 9.219   19.315  -1.809  1.00 47.51 ? 25 DC  C OP1   1 
ATOM   470 O OP2   . DC  C 1 5  ? 9.189   16.771  -2.246  1.00 49.10 ? 25 DC  C OP2   1 
ATOM   471 O "O5'" . DC  C 1 5  ? 7.234   18.097  -1.191  1.00 48.36 ? 25 DC  C "O5'" 1 
ATOM   472 C "C5'" . DC  C 1 5  ? 6.304   19.169  -1.266  1.00 46.48 ? 25 DC  C "C5'" 1 
ATOM   473 C "C4'" . DC  C 1 5  ? 5.313   19.058  -0.141  1.00 42.32 ? 25 DC  C "C4'" 1 
ATOM   474 O "O4'" . DC  C 1 5  ? 4.377   17.979  -0.433  1.00 41.52 ? 25 DC  C "O4'" 1 
ATOM   475 C "C3'" . DC  C 1 5  ? 6.022   18.685  1.157   1.00 39.46 ? 25 DC  C "C3'" 1 
ATOM   476 O "O3'" . DC  C 1 5  ? 5.475   19.393  2.264   1.00 47.68 ? 25 DC  C "O3'" 1 
ATOM   477 C "C2'" . DC  C 1 5  ? 5.766   17.197  1.258   1.00 36.54 ? 25 DC  C "C2'" 1 
ATOM   478 C "C1'" . DC  C 1 5  ? 4.394   17.049  0.628   1.00 30.55 ? 25 DC  C "C1'" 1 
ATOM   479 N N1    . DC  C 1 5  ? 4.146   15.718  0.076   1.00 20.09 ? 25 DC  C N1    1 
ATOM   480 C C2    . DC  C 1 5  ? 2.847   15.186  0.119   1.00 20.62 ? 25 DC  C C2    1 
ATOM   481 O O2    . DC  C 1 5  ? 1.914   15.859  0.605   1.00 26.28 ? 25 DC  C O2    1 
ATOM   482 N N3    . DC  C 1 5  ? 2.624   13.949  -0.366  1.00 20.68 ? 25 DC  C N3    1 
ATOM   483 C C4    . DC  C 1 5  ? 3.640   13.246  -0.899  1.00 28.71 ? 25 DC  C C4    1 
ATOM   484 N N4    . DC  C 1 5  ? 3.375   12.032  -1.418  1.00 34.14 ? 25 DC  C N4    1 
ATOM   485 C C5    . DC  C 1 5  ? 4.971   13.759  -0.943  1.00 21.23 ? 25 DC  C C5    1 
ATOM   486 C C6    . DC  C 1 5  ? 5.172   14.990  -0.460  1.00 20.40 ? 25 DC  C C6    1 
ATOM   487 P P     . DI  C 1 6  ? 6.370   19.645  3.583   1.00 54.44 ? 26 DI  C P     1 
ATOM   488 O OP1   . DI  C 1 6  ? 7.068   20.934  3.504   1.00 59.60 ? 26 DI  C OP1   1 
ATOM   489 O OP2   . DI  C 1 6  ? 7.160   18.419  3.896   1.00 52.10 ? 26 DI  C OP2   1 
ATOM   490 O "O5'" . DI  C 1 6  ? 5.242   19.857  4.681   1.00 55.20 ? 26 DI  C "O5'" 1 
ATOM   491 C "C5'" . DI  C 1 6  ? 3.857   20.078  4.285   1.00 53.22 ? 26 DI  C "C5'" 1 
ATOM   492 C "C4'" . DI  C 1 6  ? 2.916   19.266  5.153   1.00 44.68 ? 26 DI  C "C4'" 1 
ATOM   493 O "O4'" . DI  C 1 6  ? 2.569   17.973  4.601   1.00 37.87 ? 26 DI  C "O4'" 1 
ATOM   494 C "C3'" . DI  C 1 6  ? 3.447   18.973  6.553   1.00 45.70 ? 26 DI  C "C3'" 1 
ATOM   495 O "O3'" . DI  C 1 6  ? 2.315   18.993  7.422   1.00 57.41 ? 26 DI  C "O3'" 1 
ATOM   496 C "C2'" . DI  C 1 6  ? 4.030   17.579  6.401   1.00 34.08 ? 26 DI  C "C2'" 1 
ATOM   497 C "C1'" . DI  C 1 6  ? 2.980   16.964  5.511   1.00 26.94 ? 26 DI  C "C1'" 1 
ATOM   498 N N9    . DI  C 1 6  ? 3.410   15.815  4.743   1.00 19.27 ? 26 DI  C N9    1 
ATOM   499 C C8    . DI  C 1 6  ? 4.697   15.427  4.421   1.00 21.56 ? 26 DI  C C8    1 
ATOM   500 N N7    . DI  C 1 6  ? 4.737   14.311  3.736   1.00 20.50 ? 26 DI  C N7    1 
ATOM   501 C C5    . DI  C 1 6  ? 3.396   13.949  3.604   1.00 16.56 ? 26 DI  C C5    1 
ATOM   502 C C6    . DI  C 1 6  ? 2.809   12.838  2.979   1.00 17.93 ? 26 DI  C C6    1 
ATOM   503 O O6    . DI  C 1 6  ? 3.365   11.928  2.339   1.00 23.77 ? 26 DI  C O6    1 
ATOM   504 N N1    . DI  C 1 6  ? 1.420   12.835  3.122   1.00 20.64 ? 26 DI  C N1    1 
ATOM   505 C C2    . DI  C 1 6  ? 0.689   13.800  3.756   1.00 20.50 ? 26 DI  C C2    1 
ATOM   506 N N3    . DI  C 1 6  ? 1.224   14.868  4.317   1.00 22.56 ? 26 DI  C N3    1 
ATOM   507 C C4    . DI  C 1 6  ? 2.575   14.871  4.213   1.00 18.10 ? 26 DI  C C4    1 
ATOM   508 P P     . DI  C 1 7  ? 2.486   18.691  8.986   1.00 61.52 ? 27 DI  C P     1 
ATOM   509 O OP1   . DI  C 1 7  ? 1.776   19.826  9.626   1.00 61.62 ? 27 DI  C OP1   1 
ATOM   510 O OP2   . DI  C 1 7  ? 3.907   18.373  9.366   1.00 59.30 ? 27 DI  C OP2   1 
ATOM   511 O "O5'" . DI  C 1 7  ? 1.613   17.374  9.162   1.00 59.89 ? 27 DI  C "O5'" 1 
ATOM   512 C "C5'" . DI  C 1 7  ? 0.324   17.261  8.522   1.00 56.79 ? 27 DI  C "C5'" 1 
ATOM   513 C "C4'" . DI  C 1 7  ? -0.251  15.892  8.780   1.00 49.81 ? 27 DI  C "C4'" 1 
ATOM   514 O "O4'" . DI  C 1 7  ? 0.264   14.890  7.862   1.00 47.31 ? 27 DI  C "O4'" 1 
ATOM   515 C "C3'" . DI  C 1 7  ? 0.095   15.386  10.181  1.00 49.93 ? 27 DI  C "C3'" 1 
ATOM   516 O "O3'" . DI  C 1 7  ? -1.044  14.678  10.676  1.00 56.37 ? 27 DI  C "O3'" 1 
ATOM   517 C "C2'" . DI  C 1 7  ? 1.281   14.468  9.929   1.00 43.87 ? 27 DI  C "C2'" 1 
ATOM   518 C "C1'" . DI  C 1 7  ? 0.852   13.841  8.618   1.00 38.35 ? 27 DI  C "C1'" 1 
ATOM   519 N N9    . DI  C 1 7  ? 1.919   13.239  7.834   1.00 28.19 ? 27 DI  C N9    1 
ATOM   520 C C8    . DI  C 1 7  ? 3.252   13.589  7.820   1.00 27.37 ? 27 DI  C C8    1 
ATOM   521 N N7    . DI  C 1 7  ? 3.972   12.819  7.047   1.00 25.89 ? 27 DI  C N7    1 
ATOM   522 C C5    . DI  C 1 7  ? 3.059   11.914  6.513   1.00 16.45 ? 27 DI  C C5    1 
ATOM   523 C C6    . DI  C 1 7  ? 3.251   10.838  5.620   1.00 20.39 ? 27 DI  C C6    1 
ATOM   524 O O6    . DI  C 1 7  ? 4.305   10.450  5.100   1.00 25.71 ? 27 DI  C O6    1 
ATOM   525 N N1    . DI  C 1 7  ? 2.057   10.186  5.346   1.00 15.71 ? 27 DI  C N1    1 
ATOM   526 C C2    . DI  C 1 7  ? 0.844   10.509  5.867   1.00 18.03 ? 27 DI  C C2    1 
ATOM   527 N N3    . DI  C 1 7  ? 0.650   11.510  6.700   1.00 16.99 ? 27 DI  C N3    1 
ATOM   528 C C4    . DI  C 1 7  ? 1.792   12.165  6.981   1.00 17.39 ? 27 DI  C C4    1 
ATOM   529 P P     . DI  C 1 8  ? -1.139  14.255  12.221  1.00 56.73 ? 28 DI  C P     1 
ATOM   530 O OP1   . DI  C 1 8  ? -2.067  15.192  12.892  1.00 53.04 ? 28 DI  C OP1   1 
ATOM   531 O OP2   . DI  C 1 8  ? 0.199   13.939  12.836  1.00 55.17 ? 28 DI  C OP2   1 
ATOM   532 O "O5'" . DI  C 1 8  ? -1.928  12.915  12.011  1.00 56.24 ? 28 DI  C "O5'" 1 
ATOM   533 C "C5'" . DI  C 1 8  ? -2.819  12.817  10.890  1.00 54.05 ? 28 DI  C "C5'" 1 
ATOM   534 C "C4'" . DI  C 1 8  ? -2.913  11.379  10.454  1.00 48.03 ? 28 DI  C "C4'" 1 
ATOM   535 O "O4'" . DI  C 1 8  ? -1.763  10.984  9.672   1.00 43.90 ? 28 DI  C "O4'" 1 
ATOM   536 C "C3'" . DI  C 1 8  ? -2.928  10.453  11.666  1.00 48.11 ? 28 DI  C "C3'" 1 
ATOM   537 O "O3'" . DI  C 1 8  ? -3.746  9.332   11.345  1.00 56.48 ? 28 DI  C "O3'" 1 
ATOM   538 C "C2'" . DI  C 1 8  ? -1.472  10.060  11.800  1.00 44.14 ? 28 DI  C "C2'" 1 
ATOM   539 C "C1'" . DI  C 1 8  ? -1.118  9.912   10.340  1.00 38.54 ? 28 DI  C "C1'" 1 
ATOM   540 N N9    . DI  C 1 8  ? 0.302   9.997   10.067  1.00 27.42 ? 28 DI  C N9    1 
ATOM   541 C C8    . DI  C 1 8  ? 1.211   10.879  10.603  1.00 26.01 ? 28 DI  C C8    1 
ATOM   542 N N7    . DI  C 1 8  ? 2.427   10.674  10.178  1.00 26.12 ? 28 DI  C N7    1 
ATOM   543 C C5    . DI  C 1 8  ? 2.307   9.602   9.309   1.00 23.91 ? 28 DI  C C5    1 
ATOM   544 C C6    . DI  C 1 8  ? 3.273   8.934   8.561   1.00 23.05 ? 28 DI  C C6    1 
ATOM   545 O O6    . DI  C 1 8  ? 4.479   9.151   8.517   1.00 26.75 ? 28 DI  C O6    1 
ATOM   546 N N1    . DI  C 1 8  ? 2.720   7.906   7.798   1.00 24.00 ? 28 DI  C N1    1 
ATOM   547 C C2    . DI  C 1 8  ? 1.397   7.574   7.756   1.00 24.82 ? 28 DI  C C2    1 
ATOM   548 N N3    . DI  C 1 8  ? 0.473   8.195   8.460   1.00 23.09 ? 28 DI  C N3    1 
ATOM   549 C C4    . DI  C 1 8  ? 0.998   9.188   9.216   1.00 23.10 ? 28 DI  C C4    1 
ATOM   550 P P     . DI  C 1 9  ? -4.286  8.376   12.498  1.00 56.19 ? 29 DI  C P     1 
ATOM   551 O OP1   . DI  C 1 9  ? -5.737  8.221   12.202  1.00 52.46 ? 29 DI  C OP1   1 
ATOM   552 O OP2   . DI  C 1 9  ? -3.829  8.909   13.840  1.00 53.25 ? 29 DI  C OP2   1 
ATOM   553 O "O5'" . DI  C 1 9  ? -3.538  7.029   12.136  1.00 46.82 ? 29 DI  C "O5'" 1 
ATOM   554 C "C5'" . DI  C 1 9  ? -3.709  6.492   10.844  1.00 38.82 ? 29 DI  C "C5'" 1 
ATOM   555 C "C4'" . DI  C 1 9  ? -2.654  5.457   10.579  1.00 31.10 ? 29 DI  C "C4'" 1 
ATOM   556 O "O4'" . DI  C 1 9  ? -1.354  6.075   10.489  1.00 31.08 ? 29 DI  C "O4'" 1 
ATOM   557 C "C3'" . DI  C 1 9  ? -2.532  4.427   11.680  1.00 29.45 ? 29 DI  C "C3'" 1 
ATOM   558 O "O3'" . DI  C 1 9  ? -2.526  3.154   11.086  1.00 38.86 ? 29 DI  C "O3'" 1 
ATOM   559 C "C2'" . DI  C 1 9  ? -1.156  4.699   12.263  1.00 31.81 ? 29 DI  C "C2'" 1 
ATOM   560 C "C1'" . DI  C 1 9  ? -0.421  5.197   11.053  1.00 27.48 ? 29 DI  C "C1'" 1 
ATOM   561 N N9    . DI  C 1 9  ? 0.843   5.919   11.277  1.00 25.39 ? 29 DI  C N9    1 
ATOM   562 C C8    . DI  C 1 9  ? 1.084   6.917   12.188  1.00 24.97 ? 29 DI  C C8    1 
ATOM   563 N N7    . DI  C 1 9  ? 2.331   7.304   12.204  1.00 27.77 ? 29 DI  C N7    1 
ATOM   564 C C5    . DI  C 1 9  ? 2.941   6.542   11.226  1.00 21.62 ? 29 DI  C C5    1 
ATOM   565 C C6    . DI  C 1 9  ? 4.265   6.559   10.776  1.00 25.38 ? 29 DI  C C6    1 
ATOM   566 O O6    . DI  C 1 9  ? 5.215   7.268   11.179  1.00 29.32 ? 29 DI  C O6    1 
ATOM   567 N N1    . DI  C 1 9  ? 4.473   5.654   9.748   1.00 21.57 ? 29 DI  C N1    1 
ATOM   568 C C2    . DI  C 1 9  ? 3.517   4.849   9.219   1.00 30.18 ? 29 DI  C C2    1 
ATOM   569 N N3    . DI  C 1 9  ? 2.246   4.833   9.626   1.00 29.61 ? 29 DI  C N3    1 
ATOM   570 C C4    . DI  C 1 9  ? 2.039   5.698   10.631  1.00 22.48 ? 29 DI  C C4    1 
ATOM   571 P P     . DI  C 1 10 ? -2.658  1.872   12.005  1.00 40.38 ? 30 DI  C P     1 
ATOM   572 O OP1   . DI  C 1 10 ? -3.892  1.201   11.514  1.00 36.18 ? 30 DI  C OP1   1 
ATOM   573 O OP2   . DI  C 1 10 ? -2.529  2.320   13.409  1.00 37.80 ? 30 DI  C OP2   1 
ATOM   574 O "O5'" . DI  C 1 10 ? -1.379  0.998   11.677  1.00 32.35 ? 30 DI  C "O5'" 1 
ATOM   575 C "C5'" . DI  C 1 10 ? -1.349  0.263   10.465  1.00 32.28 ? 30 DI  C "C5'" 1 
ATOM   576 C "C4'" . DI  C 1 10 ? 0.042   -0.242  10.192  1.00 22.46 ? 30 DI  C "C4'" 1 
ATOM   577 O "O4'" . DI  C 1 10 ? 0.935   0.853   10.418  1.00 25.90 ? 30 DI  C "O4'" 1 
ATOM   578 C "C3'" . DI  C 1 10 ? 0.551   -1.368  11.077  1.00 19.93 ? 30 DI  C "C3'" 1 
ATOM   579 O "O3'" . DI  C 1 10 ? 1.061   -1.855  9.838   1.00 33.60 ? 30 DI  C "O3'" 1 
ATOM   580 C "C2'" . DI  C 1 10 ? 1.473   -0.667  12.051  1.00 21.47 ? 30 DI  C "C2'" 1 
ATOM   581 C "C1'" . DI  C 1 10 ? 2.019   0.440   11.204  1.00 22.07 ? 30 DI  C "C1'" 1 
ATOM   582 N N9    . DI  C 1 10 ? 2.498   1.612   11.917  1.00 17.89 ? 30 DI  C N9    1 
ATOM   583 C C8    . DI  C 1 10 ? 1.763   2.427   12.739  1.00 21.07 ? 30 DI  C C8    1 
ATOM   584 N N7    . DI  C 1 10 ? 2.464   3.410   13.244  1.00 23.29 ? 30 DI  C N7    1 
ATOM   585 C C5    . DI  C 1 10 ? 3.741   3.231   12.714  1.00 19.08 ? 30 DI  C C5    1 
ATOM   586 C C6    . DI  C 1 10 ? 4.927   3.974   12.927  1.00 20.84 ? 30 DI  C C6    1 
ATOM   587 O O6    . DI  C 1 10 ? 5.084   4.966   13.668  1.00 23.34 ? 30 DI  C O6    1 
ATOM   588 N N1    . DI  C 1 10 ? 6.005   3.456   12.201  1.00 16.23 ? 30 DI  C N1    1 
ATOM   589 C C2    . DI  C 1 10 ? 5.946   2.354   11.387  1.00 15.92 ? 30 DI  C C2    1 
ATOM   590 N N3    . DI  C 1 10 ? 4.839   1.646   11.186  1.00 22.10 ? 30 DI  C N3    1 
ATOM   591 C C4    . DI  C 1 10 ? 3.779   2.137   11.886  1.00 19.88 ? 30 DI  C C4    1 
ATOM   592 O "O5'" . DC  D 1 1  ? 14.403  6.658   9.556   1.00 40.06 ? 31 DC  D "O5'" 1 
ATOM   593 C "C5'" . DC  D 1 1  ? 14.942  5.819   10.583  1.00 36.70 ? 31 DC  D "C5'" 1 
ATOM   594 C "C4'" . DC  D 1 1  ? 14.315  4.486   10.252  1.00 33.08 ? 31 DC  D "C4'" 1 
ATOM   595 O "O4'" . DC  D 1 1  ? 13.239  4.188   11.172  1.00 30.84 ? 31 DC  D "O4'" 1 
ATOM   596 C "C3'" . DC  D 1 1  ? 13.689  4.461   8.868   1.00 33.88 ? 31 DC  D "C3'" 1 
ATOM   597 O "O3'" . DC  D 1 1  ? 13.878  3.199   8.247   1.00 44.73 ? 31 DC  D "O3'" 1 
ATOM   598 C "C2'" . DC  D 1 1  ? 12.221  4.671   9.143   1.00 30.36 ? 31 DC  D "C2'" 1 
ATOM   599 C "C1'" . DC  D 1 1  ? 12.027  3.993   10.482  1.00 24.80 ? 31 DC  D "C1'" 1 
ATOM   600 N N1    . DC  D 1 1  ? 10.982  4.700   11.214  1.00 18.19 ? 31 DC  D N1    1 
ATOM   601 C C2    . DC  D 1 1  ? 9.732   4.137   11.311  1.00 20.05 ? 31 DC  D C2    1 
ATOM   602 O O2    . DC  D 1 1  ? 9.574   2.961   10.925  1.00 28.20 ? 31 DC  D O2    1 
ATOM   603 N N3    . DC  D 1 1  ? 8.717   4.874   11.825  1.00 20.09 ? 31 DC  D N3    1 
ATOM   604 C C4    . DC  D 1 1  ? 8.954   6.123   12.255  1.00 21.89 ? 31 DC  D C4    1 
ATOM   605 N N4    . DC  D 1 1  ? 7.928   6.890   12.680  1.00 21.12 ? 31 DC  D N4    1 
ATOM   606 C C5    . DC  D 1 1  ? 10.243  6.668   12.250  1.00 20.38 ? 31 DC  D C5    1 
ATOM   607 C C6    . DC  D 1 1  ? 11.219  5.929   11.736  1.00 16.88 ? 31 DC  D C6    1 
ATOM   608 P P     . DC  D 1 2  ? 13.550  3.060   6.685   1.00 50.60 ? 32 DC  D P     1 
ATOM   609 O OP1   . DC  D 1 2  ? 14.355  1.925   6.200   1.00 51.20 ? 32 DC  D OP1   1 
ATOM   610 O OP2   . DC  D 1 2  ? 13.657  4.401   6.026   1.00 47.25 ? 32 DC  D OP2   1 
ATOM   611 O "O5'" . DC  D 1 2  ? 12.009  2.668   6.643   1.00 49.52 ? 32 DC  D "O5'" 1 
ATOM   612 C "C5'" . DC  D 1 2  ? 11.580  1.358   7.019   1.00 43.54 ? 32 DC  D "C5'" 1 
ATOM   613 C "C4'" . DC  D 1 2  ? 10.104  1.227   6.770   1.00 33.92 ? 32 DC  D "C4'" 1 
ATOM   614 O "O4'" . DC  D 1 2  ? 9.414   2.126   7.662   1.00 30.90 ? 32 DC  D "O4'" 1 
ATOM   615 C "C3'" . DC  D 1 2  ? 9.721   1.660   5.362   1.00 37.04 ? 32 DC  D "C3'" 1 
ATOM   616 O "O3'" . DC  D 1 2  ? 8.839   0.713   4.775   1.00 46.18 ? 32 DC  D "O3'" 1 
ATOM   617 C "C2'" . DC  D 1 2  ? 9.047   3.004   5.555   1.00 31.75 ? 32 DC  D "C2'" 1 
ATOM   618 C "C1'" . DC  D 1 2  ? 8.490   2.900   6.946   1.00 25.82 ? 32 DC  D "C1'" 1 
ATOM   619 N N1    . DC  D 1 2  ? 8.386   4.174   7.627   1.00 21.84 ? 32 DC  D N1    1 
ATOM   620 C C2    . DC  D 1 2  ? 7.151   4.566   8.114   1.00 24.42 ? 32 DC  D C2    1 
ATOM   621 O O2    . DC  D 1 2  ? 6.168   3.831   7.943   1.00 32.36 ? 32 DC  D O2    1 
ATOM   622 N N3    . DC  D 1 2  ? 7.031   5.738   8.768   1.00 21.96 ? 32 DC  D N3    1 
ATOM   623 C C4    . DC  D 1 2  ? 8.104   6.500   8.949   1.00 24.71 ? 32 DC  D C4    1 
ATOM   624 N N4    . DC  D 1 2  ? 7.947   7.641   9.628   1.00 28.52 ? 32 DC  D N4    1 
ATOM   625 C C5    . DC  D 1 2  ? 9.388   6.126   8.454   1.00 19.04 ? 32 DC  D C5    1 
ATOM   626 C C6    . DC  D 1 2  ? 9.479   4.966   7.806   1.00 17.11 ? 32 DC  D C6    1 
ATOM   627 P P     . DC  D 1 3  ? 8.590   0.757   3.209   1.00 50.53 ? 33 DC  D P     1 
ATOM   628 O OP1   . DC  D 1 3  ? 8.786   -0.612  2.699   1.00 51.65 ? 33 DC  D OP1   1 
ATOM   629 O OP2   . DC  D 1 3  ? 9.344   1.901   2.626   1.00 51.52 ? 33 DC  D OP2   1 
ATOM   630 O "O5'" . DC  D 1 3  ? 7.061   1.090   3.138   1.00 46.67 ? 33 DC  D "O5'" 1 
ATOM   631 C "C5'" . DC  D 1 3  ? 6.204   0.389   3.966   1.00 38.38 ? 33 DC  D "C5'" 1 
ATOM   632 C "C4'" . DC  D 1 3  ? 4.943   1.170   4.157   1.00 29.43 ? 33 DC  D "C4'" 1 
ATOM   633 O "O4'" . DC  D 1 3  ? 5.187   2.310   4.995   1.00 23.59 ? 33 DC  D "O4'" 1 
ATOM   634 C "C3'" . DC  D 1 3  ? 4.311   1.706   2.885   1.00 28.73 ? 33 DC  D "C3'" 1 
ATOM   635 O "O3'" . DC  D 1 3  ? 2.938   1.445   2.985   1.00 43.95 ? 33 DC  D "O3'" 1 
ATOM   636 C "C2'" . DC  D 1 3  ? 4.444   3.203   3.043   1.00 26.57 ? 33 DC  D "C2'" 1 
ATOM   637 C "C1'" . DC  D 1 3  ? 4.367   3.338   4.536   1.00 22.43 ? 33 DC  D "C1'" 1 
ATOM   638 N N1    . DC  D 1 3  ? 4.908   4.575   5.053   1.00 23.35 ? 33 DC  D N1    1 
ATOM   639 C C2    . DC  D 1 3  ? 4.111   5.359   5.927   1.00 26.03 ? 33 DC  D C2    1 
ATOM   640 O O2    . DC  D 1 3  ? 2.963   4.982   6.250   1.00 31.40 ? 33 DC  D O2    1 
ATOM   641 N N3    . DC  D 1 3  ? 4.607   6.523   6.403   1.00 23.17 ? 33 DC  D N3    1 
ATOM   642 C C4    . DC  D 1 3  ? 5.826   6.929   6.060   1.00 26.46 ? 33 DC  D C4    1 
ATOM   643 N N4    . DC  D 1 3  ? 6.248   8.102   6.522   1.00 23.13 ? 33 DC  D N4    1 
ATOM   644 C C5    . DC  D 1 3  ? 6.668   6.146   5.208   1.00 20.14 ? 33 DC  D C5    1 
ATOM   645 C C6    . DC  D 1 3  ? 6.176   4.993   4.731   1.00 18.75 ? 33 DC  D C6    1 
ATOM   646 P P     . DC  D 1 4  ? 2.131   0.953   1.714   1.00 51.62 ? 34 DC  D P     1 
ATOM   647 O OP1   . DC  D 1 4  ? 1.948   -0.501  1.840   1.00 50.10 ? 34 DC  D OP1   1 
ATOM   648 O OP2   . DC  D 1 4  ? 2.815   1.516   0.506   1.00 57.49 ? 34 DC  D OP2   1 
ATOM   649 O "O5'" . DC  D 1 4  ? 0.731   1.659   1.905   1.00 41.03 ? 34 DC  D "O5'" 1 
ATOM   650 C "C5'" . DC  D 1 4  ? 0.068   1.525   3.125   1.00 36.53 ? 34 DC  D "C5'" 1 
ATOM   651 C "C4'" . DC  D 1 4  ? -0.556  2.833   3.537   1.00 29.92 ? 34 DC  D "C4'" 1 
ATOM   652 O "O4'" . DC  D 1 4  ? 0.417   3.808   3.921   1.00 31.53 ? 34 DC  D "O4'" 1 
ATOM   653 C "C3'" . DC  D 1 4  ? -1.414  3.510   2.503   1.00 30.05 ? 34 DC  D "C3'" 1 
ATOM   654 O "O3'" . DC  D 1 4  ? -2.666  3.722   3.060   1.00 38.12 ? 34 DC  D "O3'" 1 
ATOM   655 C "C2'" . DC  D 1 4  ? -0.755  4.852   2.274   1.00 30.58 ? 34 DC  D "C2'" 1 
ATOM   656 C "C1'" . DC  D 1 4  ? -0.023  5.078   3.539   1.00 28.84 ? 34 DC  D "C1'" 1 
ATOM   657 N N1    . DC  D 1 4  ? 1.167   5.896   3.390   1.00 30.36 ? 34 DC  D N1    1 
ATOM   658 C C2    . DC  D 1 4  ? 1.211   7.172   4.022   1.00 32.78 ? 34 DC  D C2    1 
ATOM   659 O O2    . DC  D 1 4  ? 0.230   7.609   4.663   1.00 37.06 ? 34 DC  D O2    1 
ATOM   660 N N3    . DC  D 1 4  ? 2.331   7.909   3.919   1.00 33.56 ? 34 DC  D N3    1 
ATOM   661 C C4    . DC  D 1 4  ? 3.386   7.444   3.255   1.00 39.52 ? 34 DC  D C4    1 
ATOM   662 N N4    . DC  D 1 4  ? 4.473   8.214   3.205   1.00 41.13 ? 34 DC  D N4    1 
ATOM   663 C C5    . DC  D 1 4  ? 3.378   6.167   2.615   1.00 37.87 ? 34 DC  D C5    1 
ATOM   664 C C6    . DC  D 1 4  ? 2.264   5.437   2.703   1.00 34.34 ? 34 DC  D C6    1 
ATOM   665 P P     . DC  D 1 5  ? -3.889  3.935   2.093   1.00 45.02 ? 35 DC  D P     1 
ATOM   666 O OP1   . DC  D 1 5  ? -5.047  3.165   2.594   1.00 47.22 ? 35 DC  D OP1   1 
ATOM   667 O OP2   . DC  D 1 5  ? -3.342  3.654   0.753   1.00 42.90 ? 35 DC  D OP2   1 
ATOM   668 O "O5'" . DC  D 1 5  ? -4.159  5.473   2.290   1.00 41.09 ? 35 DC  D "O5'" 1 
ATOM   669 C "C5'" . DC  D 1 5  ? -3.348  6.189   3.179   1.00 37.53 ? 35 DC  D "C5'" 1 
ATOM   670 C "C4'" . DC  D 1 5  ? -4.150  7.306   3.762   1.00 33.81 ? 35 DC  D "C4'" 1 
ATOM   671 O "O4'" . DC  D 1 5  ? -3.210  8.370   3.959   1.00 35.23 ? 35 DC  D "O4'" 1 
ATOM   672 C "C3'" . DC  D 1 5  ? -5.123  7.823   2.725   1.00 35.79 ? 35 DC  D "C3'" 1 
ATOM   673 O "O3'" . DC  D 1 5  ? -6.153  8.569   3.372   1.00 49.96 ? 35 DC  D "O3'" 1 
ATOM   674 C "C2'" . DC  D 1 5  ? -4.224  8.668   1.860   1.00 32.18 ? 35 DC  D "C2'" 1 
ATOM   675 C "C1'" . DC  D 1 5  ? -3.239  9.248   2.852   1.00 28.18 ? 35 DC  D "C1'" 1 
ATOM   676 N N1    . DC  D 1 5  ? -1.881  9.320   2.333   1.00 22.70 ? 35 DC  D N1    1 
ATOM   677 C C2    . DC  D 1 5  ? -1.063  10.366  2.741   1.00 25.68 ? 35 DC  D C2    1 
ATOM   678 O O2    . DC  D 1 5  ? -1.514  11.221  3.547   1.00 31.63 ? 35 DC  D O2    1 
ATOM   679 N N3    . DC  D 1 5  ? 0.211   10.434  2.261   1.00 21.28 ? 35 DC  D N3    1 
ATOM   680 C C4    . DC  D 1 5  ? 0.648   9.507   1.409   1.00 18.71 ? 35 DC  D C4    1 
ATOM   681 N N4    . DC  D 1 5  ? 1.891   9.589   0.958   1.00 21.59 ? 35 DC  D N4    1 
ATOM   682 C C5    . DC  D 1 5  ? -0.167  8.444   0.984   1.00 20.02 ? 35 DC  D C5    1 
ATOM   683 C C6    . DC  D 1 5  ? -1.409  8.384   1.464   1.00 22.71 ? 35 DC  D C6    1 
ATOM   684 P P     . DI  D 1 6  ? -7.235  9.388   2.500   1.00 60.85 ? 36 DI  D P     1 
ATOM   685 O OP1   . DI  D 1 6  ? -8.534  9.476   3.240   1.00 61.58 ? 36 DI  D OP1   1 
ATOM   686 O OP2   . DI  D 1 6  ? -7.225  8.890   1.074   1.00 61.13 ? 36 DI  D OP2   1 
ATOM   687 O "O5'" . DI  D 1 6  ? -6.628  10.848  2.566   1.00 60.02 ? 36 DI  D "O5'" 1 
ATOM   688 C "C5'" . DI  D 1 6  ? -6.308  11.414  3.838   1.00 56.56 ? 36 DI  D "C5'" 1 
ATOM   689 C "C4'" . DI  D 1 6  ? -6.098  12.895  3.682   1.00 49.19 ? 36 DI  D "C4'" 1 
ATOM   690 O "O4'" . DI  D 1 6  ? -4.772  13.150  3.172   1.00 49.43 ? 36 DI  D "O4'" 1 
ATOM   691 C "C3'" . DI  D 1 6  ? -7.066  13.496  2.675   1.00 45.84 ? 36 DI  D "C3'" 1 
ATOM   692 O "O3'" . DI  D 1 6  ? -7.370  14.792  3.131   1.00 54.21 ? 36 DI  D "O3'" 1 
ATOM   693 C "C2'" . DI  D 1 6  ? -6.276  13.482  1.379   1.00 43.34 ? 36 DI  D "C2'" 1 
ATOM   694 C "C1'" . DI  D 1 6  ? -4.834  13.698  1.851   1.00 42.24 ? 36 DI  D "C1'" 1 
ATOM   695 N N9    . DI  D 1 6  ? -3.799  13.032  1.056   1.00 29.44 ? 36 DI  D N9    1 
ATOM   696 C C8    . DI  D 1 6  ? -3.962  11.894  0.317   1.00 24.31 ? 36 DI  D C8    1 
ATOM   697 N N7    . DI  D 1 6  ? -2.857  11.493  -0.251  1.00 26.56 ? 36 DI  D N7    1 
ATOM   698 C C5    . DI  D 1 6  ? -1.914  12.432  0.118   1.00 22.29 ? 36 DI  D C5    1 
ATOM   699 C C6    . DI  D 1 6  ? -0.560  12.510  -0.202  1.00 23.29 ? 36 DI  D C6    1 
ATOM   700 O O6    . DI  D 1 6  ? 0.097   11.751  -0.923  1.00 26.12 ? 36 DI  D O6    1 
ATOM   701 N N1    . DI  D 1 6  ? 0.053   13.607  0.396   1.00 19.66 ? 36 DI  D N1    1 
ATOM   702 C C2    . DI  D 1 6  ? -0.580  14.529  1.180   1.00 21.90 ? 36 DI  D C2    1 
ATOM   703 N N3    . DI  D 1 6  ? -1.869  14.482  1.477   1.00 27.52 ? 36 DI  D N3    1 
ATOM   704 C C4    . DI  D 1 6  ? -2.473  13.397  0.918   1.00 25.32 ? 36 DI  D C4    1 
ATOM   705 P P     . DI  D 1 7  ? -8.063  15.827  2.146   1.00 63.65 ? 37 DI  D P     1 
ATOM   706 O OP1   . DI  D 1 7  ? -9.075  16.608  2.890   1.00 62.87 ? 37 DI  D OP1   1 
ATOM   707 O OP2   . DI  D 1 7  ? -8.461  15.046  0.937   1.00 64.56 ? 37 DI  D OP2   1 
ATOM   708 O "O5'" . DI  D 1 7  ? -6.867  16.824  1.803   1.00 67.20 ? 37 DI  D "O5'" 1 
ATOM   709 C "C5'" . DI  D 1 7  ? -6.038  17.395  2.874   1.00 62.41 ? 37 DI  D "C5'" 1 
ATOM   710 C "C4'" . DI  D 1 7  ? -5.044  18.381  2.300   1.00 51.41 ? 37 DI  D "C4'" 1 
ATOM   711 O "O4'" . DI  D 1 7  ? -4.006  17.682  1.559   1.00 44.47 ? 37 DI  D "O4'" 1 
ATOM   712 C "C3'" . DI  D 1 7  ? -5.693  19.342  1.298   1.00 49.69 ? 37 DI  D "C3'" 1 
ATOM   713 O "O3'" . DI  D 1 7  ? -4.936  20.578  1.308   1.00 58.70 ? 37 DI  D "O3'" 1 
ATOM   714 C "C2'" . DI  D 1 7  ? -5.567  18.551  0.012   1.00 40.96 ? 37 DI  D "C2'" 1 
ATOM   715 C "C1'" . DI  D 1 7  ? -4.172  17.985  0.193   1.00 34.01 ? 37 DI  D "C1'" 1 
ATOM   716 N N9    . DI  D 1 7  ? -3.825  16.815  -0.590  1.00 23.57 ? 37 DI  D N9    1 
ATOM   717 C C8    . DI  D 1 7  ? -4.644  15.899  -1.205  1.00 20.72 ? 37 DI  D C8    1 
ATOM   718 N N7    . DI  D 1 7  ? -3.980  15.047  -1.955  1.00 20.39 ? 37 DI  D N7    1 
ATOM   719 C C5    . DI  D 1 7  ? -2.649  15.417  -1.795  1.00 16.51 ? 37 DI  D C5    1 
ATOM   720 C C6    . DI  D 1 7  ? -1.465  14.911  -2.390  1.00 17.87 ? 37 DI  D C6    1 
ATOM   721 O O6    . DI  D 1 7  ? -1.330  13.967  -3.192  1.00 18.82 ? 37 DI  D O6    1 
ATOM   722 N N1    . DI  D 1 7  ? -0.339  15.612  -1.971  1.00 18.73 ? 37 DI  D N1    1 
ATOM   723 C C2    . DI  D 1 7  ? -0.336  16.654  -1.078  1.00 23.55 ? 37 DI  D C2    1 
ATOM   724 N N3    . DI  D 1 7  ? -1.430  17.132  -0.499  1.00 24.04 ? 37 DI  D N3    1 
ATOM   725 C C4    . DI  D 1 7  ? -2.544  16.479  -0.918  1.00 21.42 ? 37 DI  D C4    1 
ATOM   726 P P     . DI  D 1 8  ? -5.479  21.929  0.582   1.00 61.03 ? 38 DI  D P     1 
ATOM   727 O OP1   . DI  D 1 8  ? -5.853  22.929  1.637   1.00 59.80 ? 38 DI  D OP1   1 
ATOM   728 O OP2   . DI  D 1 8  ? -6.440  21.647  -0.542  1.00 54.23 ? 38 DI  D OP2   1 
ATOM   729 O "O5'" . DI  D 1 8  ? -4.094  22.426  -0.020  1.00 56.17 ? 38 DI  D "O5'" 1 
ATOM   730 C "C5'" . DI  D 1 8  ? -2.887  22.224  0.746   1.00 46.17 ? 38 DI  D "C5'" 1 
ATOM   731 C "C4'" . DI  D 1 8  ? -1.674  22.192  -0.154  1.00 38.06 ? 38 DI  D "C4'" 1 
ATOM   732 O "O4'" . DI  D 1 8  ? -1.530  20.940  -0.869  1.00 32.30 ? 38 DI  D "O4'" 1 
ATOM   733 C "C3'" . DI  D 1 8  ? -1.635  23.292  -1.208  1.00 36.76 ? 38 DI  D "C3'" 1 
ATOM   734 O "O3'" . DI  D 1 8  ? -0.299  23.844  -1.264  1.00 44.03 ? 38 DI  D "O3'" 1 
ATOM   735 C "C2'" . DI  D 1 8  ? -2.029  22.546  -2.465  1.00 32.56 ? 38 DI  D "C2'" 1 
ATOM   736 C "C1'" . DI  D 1 8  ? -1.374  21.214  -2.236  1.00 23.34 ? 38 DI  D "C1'" 1 
ATOM   737 N N9    . DI  D 1 8  ? -1.961  20.123  -2.989  1.00 17.16 ? 38 DI  D N9    1 
ATOM   738 C C8    . DI  D 1 8  ? -3.289  19.802  -3.139  1.00 17.23 ? 38 DI  D C8    1 
ATOM   739 N N7    . DI  D 1 8  ? -3.476  18.728  -3.862  1.00 19.26 ? 38 DI  D N7    1 
ATOM   740 C C5    . DI  D 1 8  ? -2.192  18.325  -4.211  1.00 9.37  ? 38 DI  D C5    1 
ATOM   741 C C6    . DI  D 1 8  ? -1.755  17.235  -4.966  1.00 13.36 ? 38 DI  D C6    1 
ATOM   742 O O6    . DI  D 1 8  ? -2.431  16.349  -5.506  1.00 19.40 ? 38 DI  D O6    1 
ATOM   743 N N1    . DI  D 1 8  ? -0.376  17.208  -5.073  1.00 11.70 ? 38 DI  D N1    1 
ATOM   744 C C2    . DI  D 1 8  ? 0.479   18.111  -4.523  1.00 11.04 ? 38 DI  D C2    1 
ATOM   745 N N3    . DI  D 1 8  ? 0.092   19.142  -3.804  1.00 12.58 ? 38 DI  D N3    1 
ATOM   746 C C4    . DI  D 1 8  ? -1.245  19.184  -3.690  1.00 11.03 ? 38 DI  D C4    1 
ATOM   747 P P     . DI  D 1 9  ? 0.018   25.153  -2.159  1.00 44.10 ? 39 DI  D P     1 
ATOM   748 O OP1   . DI  D 1 9  ? 1.129   25.857  -1.454  1.00 39.33 ? 39 DI  D OP1   1 
ATOM   749 O OP2   . DI  D 1 9  ? -1.217  25.910  -2.559  1.00 35.79 ? 39 DI  D OP2   1 
ATOM   750 O "O5'" . DI  D 1 9  ? 0.630   24.477  -3.450  1.00 39.62 ? 39 DI  D "O5'" 1 
ATOM   751 C "C5'" . DI  D 1 9  ? 1.826   23.687  -3.341  1.00 37.90 ? 39 DI  D "C5'" 1 
ATOM   752 C "C4'" . DI  D 1 9  ? 2.244   23.243  -4.715  1.00 32.98 ? 39 DI  D "C4'" 1 
ATOM   753 O "O4'" . DI  D 1 9  ? 1.465   22.111  -5.182  1.00 33.77 ? 39 DI  D "O4'" 1 
ATOM   754 C "C3'" . DI  D 1 9  ? 1.983   24.349  -5.730  1.00 31.93 ? 39 DI  D "C3'" 1 
ATOM   755 O "O3'" . DI  D 1 9  ? 2.986   24.200  -6.703  1.00 40.01 ? 39 DI  D "O3'" 1 
ATOM   756 C "C2'" . DI  D 1 9  ? 0.630   23.971  -6.300  1.00 22.98 ? 39 DI  D "C2'" 1 
ATOM   757 C "C1'" . DI  D 1 9  ? 0.829   22.481  -6.387  1.00 24.40 ? 39 DI  D "C1'" 1 
ATOM   758 N N9    . DI  D 1 9  ? -0.386  21.696  -6.529  1.00 15.64 ? 39 DI  D N9    1 
ATOM   759 C C8    . DI  D 1 9  ? -1.657  22.041  -6.138  1.00 16.75 ? 39 DI  D C8    1 
ATOM   760 N N7    . DI  D 1 9  ? -2.560  21.189  -6.557  1.00 19.27 ? 39 DI  D N7    1 
ATOM   761 C C5    . DI  D 1 9  ? -1.816  20.210  -7.204  1.00 11.45 ? 39 DI  D C5    1 
ATOM   762 C C6    . DI  D 1 9  ? -2.224  19.035  -7.787  1.00 15.08 ? 39 DI  D C6    1 
ATOM   763 O O6    . DI  D 1 9  ? -3.369  18.556  -7.835  1.00 23.13 ? 39 DI  D O6    1 
ATOM   764 N N1    . DI  D 1 9  ? -1.161  18.339  -8.335  1.00 13.38 ? 39 DI  D N1    1 
ATOM   765 C C2    . DI  D 1 9  ? 0.140   18.707  -8.257  1.00 13.87 ? 39 DI  D C2    1 
ATOM   766 N N3    . DI  D 1 9  ? 0.542   19.796  -7.653  1.00 13.80 ? 39 DI  D N3    1 
ATOM   767 C C4    . DI  D 1 9  ? -0.484  20.499  -7.167  1.00 9.02  ? 39 DI  D C4    1 
ATOM   768 P P     . DI  D 1 10 ? 3.392   25.415  -7.650  1.00 40.30 ? 40 DI  D P     1 
ATOM   769 O OP1   . DI  D 1 10 ? 4.757   25.786  -7.185  1.00 34.16 ? 40 DI  D OP1   1 
ATOM   770 O OP2   . DI  D 1 10 ? 2.325   26.454  -7.751  1.00 34.76 ? 40 DI  D OP2   1 
ATOM   771 O "O5'" . DI  D 1 10 ? 3.513   24.597  -9.004  1.00 36.53 ? 40 DI  D "O5'" 1 
ATOM   772 C "C5'" . DI  D 1 10 ? 4.447   23.523  -9.036  1.00 32.60 ? 40 DI  D "C5'" 1 
ATOM   773 C "C4'" . DI  D 1 10 ? 4.115   22.563  -10.145 1.00 26.47 ? 40 DI  D "C4'" 1 
ATOM   774 O "O4'" . DI  D 1 10 ? 2.798   22.008  -9.942  1.00 26.48 ? 40 DI  D "O4'" 1 
ATOM   775 C "C3'" . DI  D 1 10 ? 4.093   23.180  -11.526 1.00 23.04 ? 40 DI  D "C3'" 1 
ATOM   776 O "O3'" . DI  D 1 10 ? 5.209   22.445  -12.123 1.00 30.46 ? 40 DI  D "O3'" 1 
ATOM   777 C "C2'" . DI  D 1 10 ? 2.620   23.105  -11.887 1.00 22.62 ? 40 DI  D "C2'" 1 
ATOM   778 C "C1'" . DI  D 1 10 ? 2.168   21.877  -11.162 1.00 13.28 ? 40 DI  D "C1'" 1 
ATOM   779 N N9    . DI  D 1 10 ? 0.745   21.828  -10.896 1.00 13.15 ? 40 DI  D N9    1 
ATOM   780 C C8    . DI  D 1 10 ? -0.018  22.792  -10.263 1.00 14.59 ? 40 DI  D C8    1 
ATOM   781 N N7    . DI  D 1 10 ? -1.281  22.467  -10.171 1.00 17.19 ? 40 DI  D N7    1 
ATOM   782 C C5    . DI  D 1 10 ? -1.356  21.212  -10.764 1.00 12.87 ? 40 DI  D C5    1 
ATOM   783 C C6    . DI  D 1 10 ? -2.456  20.357  -10.940 1.00 16.48 ? 40 DI  D C6    1 
ATOM   784 O O6    . DI  D 1 10 ? -3.638  20.526  -10.577 1.00 15.89 ? 40 DI  D O6    1 
ATOM   785 N N1    . DI  D 1 10 ? -2.092  19.194  -11.609 1.00 11.84 ? 40 DI  D N1    1 
ATOM   786 C C2    . DI  D 1 10 ? -0.830  18.879  -12.033 1.00 15.66 ? 40 DI  D C2    1 
ATOM   787 N N3    . DI  D 1 10 ? 0.219   19.660  -11.859 1.00 16.41 ? 40 DI  D N3    1 
ATOM   788 C C4    . DI  D 1 10 ? -0.116  20.806  -11.224 1.00 13.23 ? 40 DI  D C4    1 
HETATM 789 C C1    . NT  E 2 .  ? -8.696  -13.293 -0.687  1.00 49.40 ? 41 NT  A C1    1 
HETATM 790 N N1    . NT  E 2 .  ? -9.785  -12.770 -1.247  1.00 51.93 ? 41 NT  A N1    1 
HETATM 791 N N2    . NT  E 2 .  ? -7.514  -13.377 -1.339  1.00 48.89 ? 41 NT  A N2    1 
HETATM 792 N N3    . NT  E 2 .  ? -8.881  -13.758 0.547   1.00 46.90 ? 41 NT  A N3    1 
HETATM 793 C C2    . NT  E 2 .  ? -7.834  -14.640 0.933   1.00 44.92 ? 41 NT  A C2    1 
HETATM 794 C C3    . NT  E 2 .  ? -8.179  -15.457 2.146   1.00 44.72 ? 41 NT  A C3    1 
HETATM 795 O O1    . NT  E 2 .  ? -8.868  -16.475 2.066   1.00 45.47 ? 41 NT  A O1    1 
HETATM 796 N N4    . NT  E 2 .  ? -7.668  -14.901 3.260   1.00 42.82 ? 41 NT  A N4    1 
HETATM 797 C C4    . NT  E 2 .  ? -7.721  -15.528 4.504   1.00 39.37 ? 41 NT  A C4    1 
HETATM 798 C C5    . NT  E 2 .  ? -7.272  -15.027 5.705   1.00 38.44 ? 41 NT  A C5    1 
HETATM 799 C C6    . NT  E 2 .  ? -7.305  -16.007 6.655   1.00 35.56 ? 41 NT  A C6    1 
HETATM 800 N N5    . NT  E 2 .  ? -7.812  -17.091 6.028   1.00 36.64 ? 41 NT  A N5    1 
HETATM 801 C C8    . NT  E 2 .  ? -8.035  -18.488 6.569   1.00 37.40 ? 41 NT  A C8    1 
HETATM 802 C C7    . NT  E 2 .  ? -8.069  -16.872 4.744   1.00 37.19 ? 41 NT  A C7    1 
HETATM 803 C C9    . NT  E 2 .  ? -6.823  -15.970 8.031   1.00 35.27 ? 41 NT  A C9    1 
HETATM 804 O O2    . NT  E 2 .  ? -6.571  -16.987 8.659   1.00 33.31 ? 41 NT  A O2    1 
HETATM 805 N N6    . NT  E 2 .  ? -6.618  -14.762 8.570   1.00 34.81 ? 41 NT  A N6    1 
HETATM 806 C C10   . NT  E 2 .  ? -6.121  -14.644 9.862   1.00 34.88 ? 41 NT  A C10   1 
HETATM 807 C C11   . NT  E 2 .  ? -5.933  -13.486 10.612  1.00 37.90 ? 41 NT  A C11   1 
HETATM 808 C C12   . NT  E 2 .  ? -5.386  -13.766 11.858  1.00 36.99 ? 41 NT  A C12   1 
HETATM 809 N N7    . NT  E 2 .  ? -5.263  -15.110 11.892  1.00 36.82 ? 41 NT  A N7    1 
HETATM 810 C C14   . NT  E 2 .  ? -4.735  -15.976 13.029  1.00 37.38 ? 41 NT  A C14   1 
HETATM 811 C C13   . NT  E 2 .  ? -5.666  -15.659 10.729  1.00 35.47 ? 41 NT  A C13   1 
HETATM 812 C C15   . NT  E 2 .  ? -5.016  -12.905 12.966  1.00 38.11 ? 41 NT  A C15   1 
HETATM 813 O O3    . NT  E 2 .  ? -4.426  -13.331 13.955  1.00 35.48 ? 41 NT  A O3    1 
HETATM 814 N N8    . NT  E 2 .  ? -5.431  -11.629 12.806  1.00 41.29 ? 41 NT  A N8    1 
HETATM 815 C C16   . NT  E 2 .  ? -5.179  -10.588 13.796  1.00 45.07 ? 41 NT  A C16   1 
HETATM 816 C C17   . NT  E 2 .  ? -3.867  -10.714 14.572  1.00 46.32 ? 41 NT  A C17   1 
HETATM 817 C C18   . NT  E 2 .  ? -3.788  -9.571  15.598  1.00 49.80 ? 41 NT  A C18   1 
HETATM 818 N N9    . NT  E 2 .  ? -4.667  -8.557  15.686  1.00 47.30 ? 41 NT  A N9    1 
HETATM 819 N N10   . NT  E 2 .  ? -2.654  -9.863  16.312  1.00 49.74 ? 41 NT  A N10   1 
HETATM 820 C C1    . NT  F 2 .  ? -6.465  -10.548 -5.719  1.00 67.54 ? 42 NT  A C1    1 
HETATM 821 N N1    . NT  F 2 .  ? -7.780  -10.293 -5.732  1.00 69.02 ? 42 NT  A N1    1 
HETATM 822 N N2    . NT  F 2 .  ? -5.896  -11.606 -5.106  1.00 65.95 ? 42 NT  A N2    1 
HETATM 823 N N3    . NT  F 2 .  ? -5.706  -9.654  -6.327  1.00 65.35 ? 42 NT  A N3    1 
HETATM 824 C C2    . NT  F 2 .  ? -4.501  -9.448  -5.580  1.00 64.11 ? 42 NT  A C2    1 
HETATM 825 C C3    . NT  F 2 .  ? -3.857  -8.461  -6.527  1.00 60.85 ? 42 NT  A C3    1 
HETATM 826 O O1    . NT  F 2 .  ? -4.521  -7.552  -7.038  1.00 60.83 ? 42 NT  A O1    1 
HETATM 827 N N4    . NT  F 2 .  ? -2.570  -8.751  -6.774  1.00 57.05 ? 42 NT  A N4    1 
HETATM 828 C C4    . NT  F 2 .  ? -1.822  -7.890  -7.558  1.00 53.42 ? 42 NT  A C4    1 
HETATM 829 C C5    . NT  F 2 .  ? -0.457  -7.880  -7.635  1.00 50.98 ? 42 NT  A C5    1 
HETATM 830 C C6    . NT  F 2 .  ? -0.083  -6.833  -8.413  1.00 50.13 ? 42 NT  A C6    1 
HETATM 831 N N5    . NT  F 2 .  ? -1.206  -6.197  -8.834  1.00 50.73 ? 42 NT  A N5    1 
HETATM 832 C C8    . NT  F 2 .  ? -1.505  -4.981  -9.694  1.00 51.29 ? 42 NT  A C8    1 
HETATM 833 C C7    . NT  F 2 .  ? -2.278  -6.803  -8.347  1.00 52.02 ? 42 NT  A C7    1 
HETATM 834 C C9    . NT  F 2 .  ? 1.305   -6.494  -8.673  1.00 50.52 ? 42 NT  A C9    1 
HETATM 835 O O2    . NT  F 2 .  ? 1.613   -5.364  -9.047  1.00 53.05 ? 42 NT  A O2    1 
HETATM 836 N N6    . NT  F 2 .  ? 2.209   -7.479  -8.471  1.00 46.67 ? 42 NT  A N6    1 
HETATM 837 C C10   . NT  F 2 .  ? 3.583   -7.271  -8.621  1.00 41.70 ? 42 NT  A C10   1 
HETATM 838 C C11   . NT  F 2 .  ? 4.579   -8.227  -8.727  1.00 40.64 ? 42 NT  A C11   1 
HETATM 839 C C12   . NT  F 2 .  ? 5.847   -7.682  -8.702  1.00 37.91 ? 42 NT  A C12   1 
HETATM 840 N N7    . NT  F 2 .  ? 5.593   -6.350  -8.594  1.00 37.23 ? 42 NT  A N7    1 
HETATM 841 C C14   . NT  F 2 .  ? 6.558   -5.198  -8.495  1.00 34.84 ? 42 NT  A C14   1 
HETATM 842 C C13   . NT  F 2 .  ? 4.292   -6.053  -8.542  1.00 39.04 ? 42 NT  A C13   1 
HETATM 843 C C15   . NT  F 2 .  ? 7.155   -8.369  -8.710  1.00 38.00 ? 42 NT  A C15   1 
HETATM 844 O O3    . NT  F 2 .  ? 8.261   -7.853  -8.596  1.00 38.94 ? 42 NT  A O3    1 
HETATM 845 N N8    . NT  F 2 .  ? 7.102   -9.695  -8.883  1.00 36.57 ? 42 NT  A N8    1 
HETATM 846 C C16   . NT  F 2 .  ? 8.326   -10.490 -9.015  1.00 33.46 ? 42 NT  A C16   1 
HETATM 847 C C17   . NT  F 2 .  ? 9.612   -10.796 -8.267  1.00 30.26 ? 42 NT  A C17   1 
HETATM 848 C C18   . NT  F 2 .  ? 10.506  -11.931 -8.810  1.00 32.16 ? 42 NT  A C18   1 
HETATM 849 N N9    . NT  F 2 .  ? 11.837  -11.751 -8.825  1.00 29.93 ? 42 NT  A N9    1 
HETATM 850 N N10   . NT  F 2 .  ? 10.023  -13.098 -9.239  1.00 28.64 ? 42 NT  A N10   1 
HETATM 851 C C1    . NT  G 2 .  ? 0.151   18.387  2.550   1.00 60.81 ? 43 NT  C C1    1 
HETATM 852 N N1    . NT  G 2 .  ? -0.222  17.113  2.370   1.00 61.55 ? 43 NT  C N1    1 
HETATM 853 N N2    . NT  G 2 .  ? -0.253  19.103  3.606   1.00 60.70 ? 43 NT  C N2    1 
HETATM 854 N N3    . NT  G 2 .  ? 0.945   18.980  1.670   1.00 59.54 ? 43 NT  C N3    1 
HETATM 855 C C2    . NT  G 2 .  ? 0.589   20.304  1.188   1.00 56.60 ? 43 NT  C C2    1 
HETATM 856 C C3    . NT  G 2 .  ? 1.730   20.824  0.327   1.00 53.86 ? 43 NT  C C3    1 
HETATM 857 O O1    . NT  G 2 .  ? 2.503   21.687  0.741   1.00 49.57 ? 43 NT  C O1    1 
HETATM 858 N N4    . NT  G 2 .  ? 1.803   20.201  -0.868  1.00 53.00 ? 43 NT  C N4    1 
HETATM 859 C C4    . NT  G 2 .  ? 2.733   20.485  -1.867  1.00 51.72 ? 43 NT  C C4    1 
HETATM 860 C C5    . NT  G 2 .  ? 2.799   19.987  -3.160  1.00 50.94 ? 43 NT  C C5    1 
HETATM 861 C C6    . NT  G 2 .  ? 3.826   20.580  -3.858  1.00 49.44 ? 43 NT  C C6    1 
HETATM 862 N N5    . NT  G 2 .  ? 4.389   21.438  -2.984  1.00 50.28 ? 43 NT  C N5    1 
HETATM 863 C C8    . NT  G 2 .  ? 5.557   22.391  -3.128  1.00 53.01 ? 43 NT  C C8    1 
HETATM 864 C C7    . NT  G 2 .  ? 3.786   21.421  -1.799  1.00 50.79 ? 43 NT  C C7    1 
HETATM 865 C C9    . NT  G 2 .  ? 4.307   20.359  -5.215  1.00 49.21 ? 43 NT  C C9    1 
HETATM 866 O O2    . NT  G 2 .  ? 5.479   20.566  -5.470  1.00 49.07 ? 43 NT  C O2    1 
HETATM 867 N N6    . NT  G 2 .  ? 3.456   19.904  -6.152  1.00 49.82 ? 43 NT  C N6    1 
HETATM 868 C C10   . NT  G 2 .  ? 3.877   19.534  -7.435  1.00 50.31 ? 43 NT  C C10   1 
HETATM 869 C C11   . NT  G 2 .  ? 3.158   19.059  -8.531  1.00 51.78 ? 43 NT  C C11   1 
HETATM 870 C C12   . NT  G 2 .  ? 3.967   18.736  -9.629  1.00 53.17 ? 43 NT  C C12   1 
HETATM 871 N N7    . NT  G 2 .  ? 5.221   19.025  -9.158  1.00 53.51 ? 43 NT  C N7    1 
HETATM 872 C C14   . NT  G 2 .  ? 6.559   18.879  -9.896  1.00 55.58 ? 43 NT  C C14   1 
HETATM 873 C C13   . NT  G 2 .  ? 5.213   19.494  -7.896  1.00 51.12 ? 43 NT  C C13   1 
HETATM 874 C C15   . NT  G 2 .  ? 3.666   18.245  -11.018 1.00 54.13 ? 43 NT  C C15   1 
HETATM 875 O O3    . NT  G 2 .  ? 4.401   18.293  -12.005 1.00 53.71 ? 43 NT  C O3    1 
HETATM 876 N N8    . NT  G 2 .  ? 2.466   17.704  -11.248 1.00 55.11 ? 43 NT  C N8    1 
HETATM 877 C C16   . NT  G 2 .  ? 2.013   17.230  -12.548 1.00 55.78 ? 43 NT  C C16   1 
HETATM 878 C C17   . NT  G 2 .  ? 2.388   16.548  -13.852 1.00 55.31 ? 43 NT  C C17   1 
HETATM 879 C C18   . NT  G 2 .  ? 1.287   16.243  -14.880 1.00 54.38 ? 43 NT  C C18   1 
HETATM 880 N N9    . NT  G 2 .  ? 0.035   16.672  -14.976 1.00 51.36 ? 43 NT  C N9    1 
HETATM 881 N N10   . NT  G 2 .  ? 1.799   15.460  -15.821 1.00 54.37 ? 43 NT  C N10   1 
HETATM 882 C C1    . NT  H 2 .  ? -2.668  12.714  6.254   1.00 45.69 ? 44 NT  C C1    1 
HETATM 883 N N1    . NT  H 2 .  ? -3.668  13.448  6.714   1.00 47.81 ? 44 NT  C N1    1 
HETATM 884 N N2    . NT  H 2 .  ? -1.686  13.357  5.646   1.00 47.05 ? 44 NT  C N2    1 
HETATM 885 N N3    . NT  H 2 .  ? -2.660  11.389  6.457   1.00 44.68 ? 44 NT  C N3    1 
HETATM 886 C C2    . NT  H 2 .  ? -3.680  10.724  7.240   1.00 39.78 ? 44 NT  C C2    1 
HETATM 887 C C3    . NT  H 2 .  ? -3.570  9.218   7.228   1.00 37.94 ? 44 NT  C C3    1 
HETATM 888 O O1    . NT  H 2 .  ? -4.642  8.753   7.588   1.00 38.05 ? 44 NT  C O1    1 
HETATM 889 N N4    . NT  H 2 .  ? -2.520  8.457   6.864   1.00 35.23 ? 44 NT  C N4    1 
HETATM 890 C C4    . NT  H 2 .  ? -2.536  7.062   6.983   1.00 33.27 ? 44 NT  C C4    1 
HETATM 891 C C5    . NT  H 2 .  ? -1.422  6.237   7.041   1.00 32.19 ? 44 NT  C C5    1 
HETATM 892 C C6    . NT  H 2 .  ? -1.756  4.913   7.196   1.00 28.42 ? 44 NT  C C6    1 
HETATM 893 N N5    . NT  H 2 .  ? -3.092  4.881   7.247   1.00 32.19 ? 44 NT  C N5    1 
HETATM 894 C C8    . NT  H 2 .  ? -3.989  3.642   7.395   1.00 35.34 ? 44 NT  C C8    1 
HETATM 895 C C7    . NT  H 2 .  ? -3.602  6.136   7.132   1.00 33.05 ? 44 NT  C C7    1 
HETATM 896 C C9    . NT  H 2 .  ? -0.986  3.704   7.213   1.00 24.53 ? 44 NT  C C9    1 
HETATM 897 O O2    . NT  H 2 .  ? -1.536  2.673   6.874   1.00 23.44 ? 44 NT  C O2    1 
HETATM 898 N N6    . NT  H 2 .  ? 0.285   3.794   7.569   1.00 21.88 ? 44 NT  C N6    1 
HETATM 899 C C10   . NT  H 2 .  ? 1.024   2.646   7.469   1.00 21.49 ? 44 NT  C C10   1 
HETATM 900 C C11   . NT  H 2 .  ? 2.290   2.372   7.930   1.00 23.19 ? 44 NT  C C11   1 
HETATM 901 C C12   . NT  H 2 .  ? 2.645   1.086   7.575   1.00 25.12 ? 44 NT  C C12   1 
HETATM 902 N N7    . NT  H 2 .  ? 1.576   0.585   6.881   1.00 27.32 ? 44 NT  C N7    1 
HETATM 903 C C14   . NT  H 2 .  ? 1.264   -0.783  6.191   1.00 31.29 ? 44 NT  C C14   1 
HETATM 904 C C13   . NT  H 2 .  ? 0.607   1.486   6.810   1.00 21.97 ? 44 NT  C C13   1 
HETATM 905 C C15   . NT  H 2 .  ? 3.872   0.328   7.842   1.00 27.46 ? 44 NT  C C15   1 
HETATM 906 O O3    . NT  H 2 .  ? 4.096   -0.814  7.456   1.00 29.89 ? 44 NT  C O3    1 
HETATM 907 N N8    . NT  H 2 .  ? 4.797   0.906   8.605   1.00 30.31 ? 44 NT  C N8    1 
HETATM 908 C C16   . NT  H 2 .  ? 6.006   0.148   8.866   1.00 34.93 ? 44 NT  C C16   1 
HETATM 909 C C17   . NT  H 2 .  ? 6.585   -1.075  8.167   1.00 37.19 ? 44 NT  C C17   1 
HETATM 910 C C18   . NT  H 2 .  ? 8.106   -1.263  8.325   1.00 43.15 ? 44 NT  C C18   1 
HETATM 911 N N9    . NT  H 2 .  ? 8.505   -2.347  7.604   1.00 43.73 ? 44 NT  C N9    1 
HETATM 912 N N10   . NT  H 2 .  ? 8.917   -0.496  9.121   1.00 42.59 ? 44 NT  C N10   1 
HETATM 913 O O     . HOH I 3 .  ? 12.694  -14.805 -9.062  1.00 43.58 ? 49 HOH A O     1 
HETATM 914 O O     . HOH I 3 .  ? 1.320   -2.459  16.200  1.00 44.96 ? 52 HOH A O     1 
HETATM 915 O O     . HOH I 3 .  ? -0.282  -20.704 4.780   1.00 48.25 ? 55 HOH A O     1 
HETATM 916 O O     . HOH I 3 .  ? 0.863   -14.023 -14.272 1.00 56.37 ? 65 HOH A O     1 
HETATM 917 O O     . HOH I 3 .  ? 3.593   -17.588 -3.136  1.00 58.06 ? 66 HOH A O     1 
HETATM 918 O O     . HOH I 3 .  ? 0.573   -17.063 -9.842  1.00 58.96 ? 67 HOH A O     1 
HETATM 919 O O     . HOH I 3 .  ? -7.181  -7.266  -8.512  1.00 59.91 ? 69 HOH A O     1 
HETATM 920 O O     . HOH I 3 .  ? 1.713   -14.073 2.074   1.00 60.23 ? 70 HOH A O     1 
HETATM 921 O O     . HOH I 3 .  ? -4.713  -3.839  6.716   1.00 60.73 ? 72 HOH A O     1 
HETATM 922 O O     . HOH I 3 .  ? 1.449   -16.048 -1.326  1.00 62.15 ? 73 HOH A O     1 
HETATM 923 O O     . HOH I 3 .  ? 4.034   -3.898  16.781  1.00 63.33 ? 75 HOH A O     1 
HETATM 924 O O     . HOH I 3 .  ? 0.483   -6.775  8.581   1.00 65.84 ? 79 HOH A O     1 
HETATM 925 O O     . HOH I 3 .  ? -5.406  -5.852  -13.779 1.00 65.97 ? 81 HOH A O     1 
HETATM 926 O O     . HOH I 3 .  ? 1.428   -20.645 -3.061  1.00 68.52 ? 83 HOH A O     1 
HETATM 927 O O     . HOH I 3 .  ? -2.617  -22.045 -0.344  1.00 69.09 ? 84 HOH A O     1 
HETATM 928 O O     . HOH I 3 .  ? -5.295  -1.452  4.323   1.00 70.96 ? 85 HOH A O     1 
HETATM 929 O O     . HOH I 3 .  ? 4.154   -16.362 1.764   1.00 71.36 ? 86 HOH A O     1 
HETATM 930 O O     . HOH I 3 .  ? -8.139  -11.724 -3.625  1.00 74.66 ? 89 HOH A O     1 
HETATM 931 O O     . HOH J 3 .  ? -12.830 -6.535  9.147   1.00 42.00 ? 46 HOH B O     1 
HETATM 932 O O     . HOH J 3 .  ? 7.064   -25.738 -6.356  1.00 42.18 ? 47 HOH B O     1 
HETATM 933 O O     . HOH J 3 .  ? -16.626 -16.390 6.612   1.00 43.81 ? 50 HOH B O     1 
HETATM 934 O O     . HOH J 3 .  ? 8.609   -27.739 -2.042  1.00 45.32 ? 53 HOH B O     1 
HETATM 935 O O     . HOH J 3 .  ? -4.553  -3.440  0.897   1.00 47.93 ? 54 HOH B O     1 
HETATM 936 O O     . HOH J 3 .  ? 3.579   -21.676 -9.204  1.00 49.62 ? 57 HOH B O     1 
HETATM 937 O O     . HOH J 3 .  ? 0.019   -5.371  0.747   1.00 51.28 ? 58 HOH B O     1 
HETATM 938 O O     . HOH J 3 .  ? -13.854 -10.766 9.273   1.00 52.05 ? 59 HOH B O     1 
HETATM 939 O O     . HOH J 3 .  ? 10.799  -26.521 -8.070  1.00 59.18 ? 68 HOH B O     1 
HETATM 940 O O     . HOH J 3 .  ? -21.214 -15.600 7.184   1.00 65.85 ? 80 HOH B O     1 
HETATM 941 O O     . HOH J 3 .  ? 2.912   -23.353 -16.451 1.00 72.29 ? 87 HOH B O     1 
HETATM 942 O O     . HOH J 3 .  ? -16.432 -11.129 -2.009  1.00 83.02 ? 91 HOH B O     1 
HETATM 943 O O     . HOH J 3 .  ? 8.246   -14.099 0.212   1.00 85.54 ? 92 HOH B O     1 
HETATM 944 O O     . HOH K 3 .  ? 4.713   6.311   16.752  1.00 40.39 ? 45 HOH C O     1 
HETATM 945 O O     . HOH K 3 .  ? -2.568  17.086  4.035   1.00 42.53 ? 48 HOH C O     1 
HETATM 946 O O     . HOH K 3 .  ? 1.952   18.192  13.959  1.00 44.80 ? 51 HOH C O     1 
HETATM 947 O O     . HOH K 3 .  ? -3.161  10.967  16.009  1.00 49.43 ? 56 HOH C O     1 
HETATM 948 O O     . HOH K 3 .  ? 7.240   11.985  3.171   1.00 53.94 ? 61 HOH C O     1 
HETATM 949 O O     . HOH K 3 .  ? -0.753  -0.419  16.290  1.00 54.83 ? 62 HOH C O     1 
HETATM 950 O O     . HOH K 3 .  ? -1.638  8.134   15.010  1.00 55.36 ? 63 HOH C O     1 
HETATM 951 O O     . HOH K 3 .  ? -5.296  0.439   9.208   1.00 56.28 ? 64 HOH C O     1 
HETATM 952 O O     . HOH K 3 .  ? 2.925   -3.283  4.859   1.00 60.38 ? 71 HOH C O     1 
HETATM 953 O O     . HOH K 3 .  ? -6.088  8.223   -12.203 1.00 62.88 ? 74 HOH C O     1 
HETATM 954 O O     . HOH K 3 .  ? -1.161  8.985   -6.236  1.00 64.06 ? 76 HOH C O     1 
HETATM 955 O O     . HOH K 3 .  ? 3.526   14.241  -17.435 1.00 64.30 ? 77 HOH C O     1 
HETATM 956 O O     . HOH K 3 .  ? 6.534   12.812  6.029   1.00 67.14 ? 82 HOH C O     1 
HETATM 957 O O     . HOH K 3 .  ? 5.468   16.230  14.873  1.00 74.09 ? 88 HOH C O     1 
HETATM 958 O O     . HOH K 3 .  ? -0.366  -3.541  6.345   1.00 90.26 ? 93 HOH C O     1 
HETATM 959 O O     . HOH L 3 .  ? -3.480  9.069   -1.656  1.00 53.37 ? 60 HOH D O     1 
HETATM 960 O O     . HOH L 3 .  ? -0.516  10.081  -2.799  1.00 65.70 ? 78 HOH D O     1 
HETATM 961 O O     . HOH L 3 .  ? 7.005   9.122   1.181   1.00 75.75 ? 90 HOH D O     1 
# 
